data_5ELC
#
_entry.id   5ELC
#
_cell.length_a   63.667
_cell.length_b   80.916
_cell.length_c   95.770
_cell.angle_alpha   90.00
_cell.angle_beta   96.07
_cell.angle_gamma   90.00
#
_symmetry.space_group_name_H-M   'P 1 21 1'
#
loop_
_entity.id
_entity.type
_entity.pdbx_description
1 polymer 'Cholera enterotoxin subunit B'
2 branched alpha-L-fucopyranose-(1-2)-beta-D-galactopyranose-(1-4)-[alpha-L-fucopyranose-(1-3)]2-acetamido-2-deoxy-alpha-D-glucopyranose
3 branched alpha-L-fucopyranose-(1-2)-beta-D-galactopyranose-(1-4)-[alpha-L-fucopyranose-(1-3)]2-acetamido-2-deoxy-alpha-D-glucopyranose
4 branched alpha-L-fucopyranose-(1-2)-beta-D-galactopyranose-(1-4)-[alpha-L-fucopyranose-(1-3)]2-acetamido-2-deoxy-beta-D-glucopyranose
5 non-polymer 'CALCIUM ION'
6 non-polymer BICINE
7 non-polymer alpha-L-fucopyranose
8 water water
#
_entity_poly.entity_id   1
_entity_poly.type   'polypeptide(L)'
_entity_poly.pdbx_seq_one_letter_code
;TPQNITDLCAEYHNTQIYTLNDKIFSYTESLAGKREMAIITFKNGAIFQVEVPGSQHIDSQKKAIERMKDTLRIAYLTEA
KVEKLCVWNNKTPHAIAAISMAN
;
_entity_poly.pdbx_strand_id   A,B,C,D,E,F,G,H,I,J
#
# COMPACT_ATOMS: atom_id res chain seq x y z
N THR A 1 -32.02 17.40 -10.51
CA THR A 1 -30.64 17.10 -9.97
C THR A 1 -29.79 16.51 -11.09
N PRO A 2 -28.60 17.09 -11.29
CA PRO A 2 -27.78 16.64 -12.40
C PRO A 2 -27.16 15.26 -12.07
N GLN A 3 -26.77 14.50 -13.09
CA GLN A 3 -26.19 13.17 -12.90
C GLN A 3 -24.72 13.03 -13.27
N ASN A 4 -24.13 14.15 -13.65
CA ASN A 4 -22.71 14.19 -13.88
C ASN A 4 -22.20 15.61 -13.75
N ILE A 5 -20.88 15.73 -13.72
CA ILE A 5 -20.27 16.99 -13.40
C ILE A 5 -20.48 18.06 -14.50
N THR A 6 -20.52 17.59 -15.76
CA THR A 6 -20.73 18.53 -16.86
C THR A 6 -22.12 19.15 -16.77
N ASP A 7 -23.15 18.37 -16.43
CA ASP A 7 -24.53 18.89 -16.33
C ASP A 7 -24.75 19.75 -15.08
N LEU A 8 -24.09 19.35 -13.99
CA LEU A 8 -23.99 20.18 -12.80
C LEU A 8 -23.41 21.58 -13.11
N CYS A 9 -22.28 21.58 -13.78
CA CYS A 9 -21.57 22.83 -14.07
C CYS A 9 -22.40 23.76 -14.99
N ALA A 10 -23.08 23.16 -15.98
CA ALA A 10 -24.05 23.88 -16.83
C ALA A 10 -25.12 24.68 -16.08
N GLU A 11 -25.46 24.28 -14.85
CA GLU A 11 -26.44 25.02 -14.05
C GLU A 11 -25.94 26.38 -13.53
N TYR A 12 -24.64 26.65 -13.65
CA TYR A 12 -24.08 27.89 -13.14
C TYR A 12 -23.54 28.71 -14.31
N HIS A 13 -24.10 29.91 -14.51
CA HIS A 13 -23.58 30.85 -15.52
C HIS A 13 -22.10 31.18 -15.32
N ASN A 14 -21.62 31.11 -14.08
CA ASN A 14 -20.29 31.60 -13.77
C ASN A 14 -19.16 30.54 -13.88
N THR A 15 -19.44 29.43 -14.59
CA THR A 15 -18.55 28.23 -14.54
C THR A 15 -18.09 27.64 -15.89
N GLN A 16 -17.05 26.81 -15.83
CA GLN A 16 -16.45 26.15 -16.97
C GLN A 16 -15.86 24.78 -16.53
N ILE A 17 -15.96 23.78 -17.40
CA ILE A 17 -15.32 22.45 -17.20
C ILE A 17 -13.92 22.45 -17.80
N TYR A 18 -12.93 22.04 -16.99
CA TYR A 18 -11.57 21.68 -17.46
C TYR A 18 -11.50 20.20 -17.45
N THR A 19 -11.01 19.61 -18.53
CA THR A 19 -10.77 18.18 -18.60
C THR A 19 -9.28 17.87 -18.46
N LEU A 20 -8.89 17.34 -17.30
CA LEU A 20 -7.48 17.14 -16.97
C LEU A 20 -7.03 15.73 -17.20
N ASN A 21 -7.79 14.77 -16.70
CA ASN A 21 -7.42 13.37 -16.82
C ASN A 21 -5.93 13.12 -16.40
N ASP A 22 -5.58 13.67 -15.25
CA ASP A 22 -4.25 13.61 -14.73
C ASP A 22 -4.31 13.76 -13.21
N LYS A 23 -3.32 13.20 -12.54
CA LYS A 23 -3.16 13.38 -11.10
C LYS A 23 -2.81 14.82 -10.78
N ILE A 24 -2.99 15.22 -9.53
CA ILE A 24 -2.60 16.53 -9.06
C ILE A 24 -1.07 16.63 -8.97
N PHE A 25 -0.50 17.70 -9.52
CA PHE A 25 0.94 17.87 -9.50
C PHE A 25 1.48 18.43 -8.19
N SER A 26 0.74 19.38 -7.65
CA SER A 26 1.07 19.90 -6.32
C SER A 26 -0.15 20.30 -5.55
N TYR A 27 -0.03 20.15 -4.22
CA TYR A 27 -1.04 20.65 -3.30
C TYR A 27 -0.39 21.62 -2.31
N THR A 28 -1.05 22.75 -2.14
CA THR A 28 -0.71 23.81 -1.21
C THR A 28 -1.91 24.14 -0.31
N GLU A 29 -1.63 24.33 0.98
CA GLU A 29 -2.65 24.89 1.86
C GLU A 29 -2.05 25.86 2.85
N SER A 30 -2.92 26.80 3.26
CA SER A 30 -2.56 27.94 4.09
C SER A 30 -3.49 28.09 5.31
N LEU A 31 -2.89 28.40 6.44
CA LEU A 31 -3.65 28.78 7.63
C LEU A 31 -3.47 30.28 7.92
N ALA A 32 -2.74 30.99 7.09
CA ALA A 32 -2.56 32.46 7.29
C ALA A 32 -3.93 33.15 7.22
N GLY A 33 -4.14 34.15 8.08
CA GLY A 33 -5.47 34.79 8.25
C GLY A 33 -5.95 35.49 6.99
N LYS A 34 -7.22 35.27 6.63
CA LYS A 34 -7.82 35.70 5.33
C LYS A 34 -7.27 35.01 4.06
N ARG A 35 -6.47 33.96 4.23
CA ARG A 35 -5.98 33.15 3.13
C ARG A 35 -5.98 31.70 3.58
N GLU A 36 -7.04 31.33 4.30
CA GLU A 36 -7.33 29.97 4.69
C GLU A 36 -7.94 29.28 3.45
N MET A 37 -7.04 28.81 2.60
CA MET A 37 -7.35 28.30 1.27
C MET A 37 -6.43 27.14 0.86
N ALA A 38 -6.81 26.45 -0.22
CA ALA A 38 -5.92 25.48 -0.86
C ALA A 38 -5.75 25.85 -2.30
N ILE A 39 -4.62 25.48 -2.85
CA ILE A 39 -4.30 25.67 -4.26
C ILE A 39 -3.76 24.37 -4.82
N ILE A 40 -4.28 23.92 -5.96
CA ILE A 40 -3.72 22.72 -6.62
C ILE A 40 -3.19 23.08 -7.99
N THR A 41 -2.23 22.34 -8.46
CA THR A 41 -1.77 22.53 -9.90
C THR A 41 -1.72 21.22 -10.67
N PHE A 42 -1.65 21.33 -12.01
CA PHE A 42 -1.46 20.17 -12.89
C PHE A 42 -0.21 20.37 -13.74
N LYS A 43 0.37 19.29 -14.23
CA LYS A 43 1.61 19.36 -15.03
C LYS A 43 1.47 20.20 -16.30
N ASN A 44 0.24 20.32 -16.82
CA ASN A 44 -0.08 21.24 -17.96
C ASN A 44 -0.08 22.73 -17.65
N GLY A 45 0.07 23.12 -16.38
CA GLY A 45 0.16 24.51 -15.94
C GLY A 45 -1.10 25.12 -15.34
N ALA A 46 -2.18 24.33 -15.30
CA ALA A 46 -3.44 24.76 -14.74
C ALA A 46 -3.25 24.90 -13.22
N ILE A 47 -3.79 26.00 -12.71
CA ILE A 47 -3.83 26.30 -11.27
C ILE A 47 -5.26 26.54 -10.84
N PHE A 48 -5.65 25.91 -9.73
CA PHE A 48 -6.98 26.13 -9.22
C PHE A 48 -6.95 26.30 -7.73
N GLN A 49 -7.95 27.00 -7.20
CA GLN A 49 -8.08 27.27 -5.77
C GLN A 49 -9.32 26.68 -5.23
N VAL A 50 -9.29 26.35 -3.95
CA VAL A 50 -10.50 26.27 -3.19
C VAL A 50 -10.50 27.57 -2.44
N GLU A 51 -11.54 28.36 -2.72
CA GLU A 51 -11.71 29.71 -2.18
C GLU A 51 -11.79 29.82 -0.66
N VAL A 52 -11.33 30.96 -0.14
CA VAL A 52 -11.57 31.25 1.26
C VAL A 52 -13.07 31.42 1.52
N PRO A 53 -13.63 30.81 2.60
CA PRO A 53 -15.07 31.13 2.79
C PRO A 53 -15.39 32.61 3.08
N GLY A 54 -16.62 33.02 2.78
CA GLY A 54 -17.06 34.42 2.83
C GLY A 54 -18.57 34.48 2.86
N SER A 55 -19.13 35.68 2.69
CA SER A 55 -20.56 35.88 2.53
C SER A 55 -21.12 35.33 1.23
N GLN A 56 -20.27 35.07 0.24
CA GLN A 56 -20.68 34.35 -0.97
C GLN A 56 -21.14 32.89 -0.74
N HIS A 57 -21.23 32.44 0.53
CA HIS A 57 -21.54 31.04 0.86
C HIS A 57 -22.58 30.88 1.95
N ILE A 58 -23.62 30.08 1.64
CA ILE A 58 -24.61 29.69 2.64
C ILE A 58 -23.95 28.60 3.49
N ASP A 59 -24.47 28.35 4.69
CA ASP A 59 -23.90 27.35 5.63
C ASP A 59 -23.45 25.98 5.04
N SER A 60 -24.27 25.42 4.17
CA SER A 60 -23.96 24.15 3.52
C SER A 60 -22.72 24.25 2.63
N GLN A 61 -22.52 25.41 2.04
CA GLN A 61 -21.33 25.60 1.22
C GLN A 61 -20.03 25.53 2.07
N LYS A 62 -20.08 26.08 3.30
CA LYS A 62 -18.92 26.08 4.21
C LYS A 62 -18.46 24.67 4.47
N LYS A 63 -19.39 23.79 4.83
CA LYS A 63 -19.04 22.43 5.10
C LYS A 63 -18.45 21.77 3.87
N ALA A 64 -19.02 22.07 2.72
CA ALA A 64 -18.58 21.43 1.46
C ALA A 64 -17.22 21.96 1.03
N ILE A 65 -16.91 23.22 1.36
CA ILE A 65 -15.56 23.76 1.11
C ILE A 65 -14.52 22.99 1.89
N GLU A 66 -14.83 22.68 3.16
CA GLU A 66 -13.91 21.91 4.00
C GLU A 66 -13.74 20.50 3.47
N ARG A 67 -14.85 19.90 3.06
CA ARG A 67 -14.81 18.62 2.38
C ARG A 67 -13.91 18.67 1.16
N MET A 68 -14.05 19.65 0.30
CA MET A 68 -13.28 19.68 -0.95
C MET A 68 -11.77 19.71 -0.63
N LYS A 69 -11.38 20.52 0.34
CA LYS A 69 -9.98 20.54 0.78
C LYS A 69 -9.53 19.15 1.27
N ASP A 70 -10.37 18.47 2.06
CA ASP A 70 -10.06 17.10 2.42
C ASP A 70 -9.86 16.23 1.17
N THR A 71 -10.74 16.35 0.18
CA THR A 71 -10.72 15.52 -1.00
C THR A 71 -9.49 15.77 -1.84
N LEU A 72 -9.10 17.03 -1.96
CA LEU A 72 -7.95 17.35 -2.81
C LEU A 72 -6.68 16.84 -2.15
N ARG A 73 -6.62 16.92 -0.84
CA ARG A 73 -5.42 16.45 -0.13
C ARG A 73 -5.25 14.97 -0.32
N ILE A 74 -6.33 14.20 -0.10
CA ILE A 74 -6.18 12.75 -0.22
C ILE A 74 -5.98 12.33 -1.69
N ALA A 75 -6.65 13.03 -2.59
CA ALA A 75 -6.47 12.78 -4.04
C ALA A 75 -5.00 12.97 -4.37
N TYR A 76 -4.38 14.04 -3.84
CA TYR A 76 -2.96 14.32 -4.14
C TYR A 76 -2.10 13.17 -3.67
N LEU A 77 -2.33 12.80 -2.42
CA LEU A 77 -1.46 11.81 -1.75
C LEU A 77 -1.64 10.42 -2.25
N THR A 78 -2.78 10.12 -2.87
CA THR A 78 -3.06 8.84 -3.47
C THR A 78 -2.80 8.81 -4.99
N GLU A 79 -2.31 9.93 -5.55
CA GLU A 79 -2.07 10.08 -6.98
C GLU A 79 -3.31 9.76 -7.85
N ALA A 80 -4.49 10.07 -7.31
CA ALA A 80 -5.71 9.81 -7.98
C ALA A 80 -5.88 10.67 -9.22
N LYS A 81 -6.31 10.05 -10.31
CA LYS A 81 -6.55 10.79 -11.53
C LYS A 81 -7.78 11.68 -11.37
N VAL A 82 -7.61 12.94 -11.59
CA VAL A 82 -8.72 13.87 -11.69
C VAL A 82 -9.21 13.91 -13.12
N GLU A 83 -10.48 13.64 -13.32
CA GLU A 83 -11.07 13.64 -14.65
C GLU A 83 -11.34 15.07 -15.08
N LYS A 84 -12.30 15.67 -14.44
CA LYS A 84 -12.76 17.00 -14.73
C LYS A 84 -12.86 17.85 -13.48
N LEU A 85 -12.65 19.15 -13.63
CA LEU A 85 -13.00 20.13 -12.67
C LEU A 85 -14.03 21.09 -13.24
N CYS A 86 -15.03 21.41 -12.44
CA CYS A 86 -15.96 22.52 -12.69
C CYS A 86 -15.47 23.71 -11.86
N VAL A 87 -15.18 24.84 -12.52
CA VAL A 87 -14.56 25.93 -11.86
C VAL A 87 -15.27 27.26 -12.22
N TRP A 88 -15.21 28.18 -11.27
CA TRP A 88 -15.62 29.57 -11.51
C TRP A 88 -14.43 30.26 -12.17
N ASN A 89 -14.62 30.73 -13.41
CA ASN A 89 -13.55 31.30 -14.26
C ASN A 89 -13.47 32.84 -14.28
N ASN A 90 -14.34 33.44 -13.48
CA ASN A 90 -14.23 34.87 -13.09
C ASN A 90 -13.20 35.08 -11.96
N LYS A 91 -13.05 34.10 -11.06
CA LYS A 91 -12.05 34.21 -9.97
C LYS A 91 -10.62 33.88 -10.50
N THR A 92 -9.60 34.47 -9.88
CA THR A 92 -8.19 34.22 -10.27
C THR A 92 -7.38 33.79 -9.04
N PRO A 93 -6.80 32.58 -9.00
CA PRO A 93 -6.95 31.52 -9.99
C PRO A 93 -8.35 30.97 -9.94
N HIS A 94 -8.73 30.26 -11.00
CA HIS A 94 -10.10 29.75 -11.07
C HIS A 94 -10.48 28.90 -9.85
N ALA A 95 -11.66 29.14 -9.31
CA ALA A 95 -12.17 28.50 -8.10
C ALA A 95 -12.89 27.19 -8.39
N ILE A 96 -12.55 26.14 -7.64
CA ILE A 96 -13.19 24.83 -7.80
C ILE A 96 -14.60 24.79 -7.20
N ALA A 97 -15.54 24.38 -8.04
CA ALA A 97 -16.94 24.18 -7.65
C ALA A 97 -17.24 22.70 -7.56
N ALA A 98 -16.62 21.89 -8.41
CA ALA A 98 -16.77 20.40 -8.33
C ALA A 98 -15.61 19.68 -8.91
N ILE A 99 -15.49 18.39 -8.59
CA ILE A 99 -14.44 17.54 -9.08
C ILE A 99 -15.02 16.19 -9.41
N SER A 100 -14.56 15.60 -10.49
CA SER A 100 -14.83 14.21 -10.80
C SER A 100 -13.56 13.42 -10.86
N MET A 101 -13.56 12.23 -10.31
CA MET A 101 -12.40 11.33 -10.36
C MET A 101 -12.82 10.00 -10.98
N ALA A 102 -12.04 9.51 -11.94
CA ALA A 102 -12.25 8.23 -12.60
C ALA A 102 -10.86 7.79 -13.08
N ASN A 103 -10.63 6.48 -13.10
CA ASN A 103 -9.37 5.83 -13.48
C ASN A 103 -9.48 4.37 -13.08
N THR B 1 -34.07 -4.39 15.35
CA THR B 1 -32.96 -3.72 14.59
C THR B 1 -32.44 -4.63 13.46
N PRO B 2 -32.39 -4.11 12.21
CA PRO B 2 -31.92 -4.86 11.06
C PRO B 2 -30.50 -5.38 11.29
N GLN B 3 -30.27 -6.58 10.78
CA GLN B 3 -28.97 -7.28 10.86
C GLN B 3 -28.18 -7.18 9.58
N ASN B 4 -28.85 -6.71 8.53
CA ASN B 4 -28.21 -6.52 7.22
C ASN B 4 -28.91 -5.40 6.45
N ILE B 5 -28.28 -4.98 5.36
CA ILE B 5 -28.78 -3.92 4.54
C ILE B 5 -30.13 -4.24 3.86
N THR B 6 -30.37 -5.51 3.57
CA THR B 6 -31.57 -5.90 2.84
C THR B 6 -32.77 -5.77 3.79
N ASP B 7 -32.58 -6.24 5.01
CA ASP B 7 -33.65 -6.08 6.02
C ASP B 7 -33.82 -4.64 6.39
N LEU B 8 -32.72 -3.88 6.44
CA LEU B 8 -32.83 -2.47 6.67
C LEU B 8 -33.66 -1.79 5.58
N CYS B 9 -33.37 -2.09 4.32
CA CYS B 9 -33.96 -1.40 3.18
C CYS B 9 -35.47 -1.61 3.15
N ALA B 10 -35.87 -2.83 3.52
CA ALA B 10 -37.28 -3.24 3.59
C ALA B 10 -38.09 -2.42 4.58
N GLU B 11 -37.45 -1.74 5.53
CA GLU B 11 -38.21 -0.92 6.50
C GLU B 11 -38.74 0.34 5.87
N TYR B 12 -38.25 0.68 4.67
CA TYR B 12 -38.64 1.91 3.99
C TYR B 12 -39.44 1.65 2.70
N HIS B 13 -40.32 2.56 2.30
CA HIS B 13 -41.00 2.48 1.00
C HIS B 13 -40.19 3.26 -0.02
N ASN B 14 -40.38 2.97 -1.30
CA ASN B 14 -39.63 3.66 -2.38
C ASN B 14 -38.13 3.44 -2.25
N THR B 15 -37.72 2.43 -1.49
CA THR B 15 -36.30 2.05 -1.41
C THR B 15 -36.17 0.69 -2.06
N GLN B 16 -35.04 0.46 -2.69
CA GLN B 16 -34.78 -0.80 -3.36
C GLN B 16 -33.28 -1.11 -3.25
N ILE B 17 -32.98 -2.43 -3.17
CA ILE B 17 -31.58 -2.95 -3.21
C ILE B 17 -31.00 -3.11 -4.62
N TYR B 18 -29.85 -2.46 -4.85
CA TYR B 18 -29.07 -2.66 -6.04
C TYR B 18 -27.85 -3.43 -5.63
N THR B 19 -27.65 -4.57 -6.27
CA THR B 19 -26.53 -5.44 -5.99
C THR B 19 -25.49 -5.12 -7.07
N LEU B 20 -24.38 -4.52 -6.65
CA LEU B 20 -23.35 -4.11 -7.63
C LEU B 20 -22.22 -5.11 -7.71
N ASN B 21 -21.75 -5.56 -6.54
CA ASN B 21 -20.55 -6.35 -6.40
C ASN B 21 -19.43 -5.82 -7.31
N ASP B 22 -19.15 -4.53 -7.18
CA ASP B 22 -18.12 -3.91 -8.03
C ASP B 22 -17.64 -2.64 -7.30
N LYS B 23 -16.46 -2.17 -7.67
CA LYS B 23 -15.91 -0.93 -7.20
C LYS B 23 -16.56 0.24 -7.88
N ILE B 24 -16.41 1.42 -7.28
CA ILE B 24 -16.99 2.64 -7.81
C ILE B 24 -16.11 3.03 -9.02
N PHE B 25 -16.76 3.26 -10.15
CA PHE B 25 -16.07 3.68 -11.42
C PHE B 25 -15.66 5.14 -11.34
N SER B 26 -16.55 6.02 -10.88
CA SER B 26 -16.24 7.43 -10.77
C SER B 26 -16.87 8.03 -9.53
N TYR B 27 -16.20 9.00 -8.97
CA TYR B 27 -16.66 9.76 -7.80
C TYR B 27 -16.65 11.24 -8.12
N THR B 28 -17.78 11.90 -7.89
CA THR B 28 -17.94 13.34 -8.16
C THR B 28 -18.44 14.04 -6.92
N GLU B 29 -17.88 15.19 -6.59
CA GLU B 29 -18.31 15.90 -5.45
C GLU B 29 -18.38 17.39 -5.75
N SER B 30 -19.39 18.07 -5.22
CA SER B 30 -19.64 19.46 -5.54
C SER B 30 -19.85 20.35 -4.34
N LEU B 31 -19.32 21.55 -4.41
CA LEU B 31 -19.53 22.52 -3.33
C LEU B 31 -20.42 23.67 -3.77
N ALA B 32 -20.98 23.54 -4.96
CA ALA B 32 -21.76 24.67 -5.56
C ALA B 32 -23.02 24.80 -4.73
N GLY B 33 -23.38 26.06 -4.41
CA GLY B 33 -24.58 26.33 -3.61
C GLY B 33 -25.82 25.61 -4.12
N LYS B 34 -26.59 24.99 -3.23
CA LYS B 34 -27.79 24.20 -3.57
C LYS B 34 -27.51 22.84 -4.30
N ARG B 35 -26.23 22.54 -4.59
CA ARG B 35 -25.79 21.25 -5.17
C ARG B 35 -24.59 20.73 -4.37
N GLU B 36 -24.69 20.80 -3.04
CA GLU B 36 -23.66 20.28 -2.14
C GLU B 36 -23.96 18.79 -1.98
N MET B 37 -23.38 18.02 -2.91
CA MET B 37 -23.72 16.60 -3.11
C MET B 37 -22.54 15.78 -3.62
N ALA B 38 -22.72 14.48 -3.64
CA ALA B 38 -21.82 13.52 -4.23
C ALA B 38 -22.58 12.69 -5.23
N ILE B 39 -21.93 12.34 -6.35
CA ILE B 39 -22.48 11.43 -7.31
C ILE B 39 -21.44 10.29 -7.51
N ILE B 40 -21.88 9.03 -7.53
CA ILE B 40 -21.00 7.90 -7.86
C ILE B 40 -21.63 7.17 -9.04
N THR B 41 -20.74 6.61 -9.89
CA THR B 41 -21.20 5.75 -10.95
C THR B 41 -20.48 4.41 -10.90
N PHE B 42 -21.11 3.45 -11.56
CA PHE B 42 -20.59 2.10 -11.71
C PHE B 42 -20.44 1.80 -13.19
N LYS B 43 -19.56 0.85 -13.50
CA LYS B 43 -19.28 0.51 -14.92
C LYS B 43 -20.50 0.05 -15.69
N ASN B 44 -21.50 -0.45 -14.99
CA ASN B 44 -22.67 -1.00 -15.63
C ASN B 44 -23.64 0.10 -16.05
N GLY B 45 -23.34 1.36 -15.69
CA GLY B 45 -24.14 2.50 -16.09
C GLY B 45 -24.98 3.06 -14.92
N ALA B 46 -25.04 2.36 -13.79
CA ALA B 46 -25.80 2.85 -12.65
C ALA B 46 -25.17 4.13 -12.12
N ILE B 47 -26.02 5.13 -11.79
CA ILE B 47 -25.62 6.41 -11.23
C ILE B 47 -26.43 6.59 -9.93
N PHE B 48 -25.75 6.95 -8.86
CA PHE B 48 -26.39 7.21 -7.55
C PHE B 48 -25.91 8.51 -6.95
N GLN B 49 -26.74 9.14 -6.12
CA GLN B 49 -26.36 10.40 -5.44
C GLN B 49 -26.43 10.24 -3.97
N VAL B 50 -25.64 11.05 -3.26
CA VAL B 50 -25.98 11.43 -1.89
C VAL B 50 -26.62 12.80 -2.01
N GLU B 51 -27.82 12.90 -1.42
CA GLU B 51 -28.66 14.05 -1.64
C GLU B 51 -28.07 15.23 -0.92
N VAL B 52 -28.30 16.42 -1.51
CA VAL B 52 -28.05 17.69 -0.86
C VAL B 52 -28.89 17.67 0.44
N PRO B 53 -28.29 18.07 1.59
CA PRO B 53 -29.09 18.01 2.85
C PRO B 53 -30.24 19.04 2.78
N GLY B 54 -31.37 18.73 3.41
CA GLY B 54 -32.61 19.43 3.07
C GLY B 54 -33.68 19.22 4.12
N SER B 55 -34.80 19.92 3.94
CA SER B 55 -35.97 19.77 4.80
C SER B 55 -36.51 18.35 4.89
N GLN B 56 -36.26 17.49 3.89
CA GLN B 56 -36.64 16.06 3.94
C GLN B 56 -35.79 15.14 4.83
N HIS B 57 -34.74 15.69 5.43
CA HIS B 57 -33.83 14.91 6.29
C HIS B 57 -34.01 15.36 7.73
N ILE B 58 -34.19 14.41 8.64
CA ILE B 58 -34.34 14.74 10.06
C ILE B 58 -32.93 15.04 10.65
N ASP B 59 -32.90 15.67 11.82
CA ASP B 59 -31.62 16.08 12.43
C ASP B 59 -30.60 14.93 12.55
N SER B 60 -31.05 13.75 13.00
CA SER B 60 -30.14 12.61 13.17
C SER B 60 -29.51 12.07 11.87
N GLN B 61 -30.06 12.44 10.72
CA GLN B 61 -29.46 12.04 9.43
C GLN B 61 -28.37 12.98 8.95
N LYS B 62 -28.28 14.23 9.45
CA LYS B 62 -27.32 15.24 8.91
C LYS B 62 -25.90 14.71 9.06
N LYS B 63 -25.51 14.24 10.23
CA LYS B 63 -24.17 13.65 10.42
C LYS B 63 -23.92 12.41 9.53
N ALA B 64 -24.95 11.60 9.37
CA ALA B 64 -24.85 10.36 8.64
C ALA B 64 -24.70 10.63 7.15
N ILE B 65 -25.29 11.72 6.67
CA ILE B 65 -25.10 12.15 5.28
C ILE B 65 -23.65 12.54 5.04
N GLU B 66 -23.06 13.29 5.91
CA GLU B 66 -21.64 13.67 5.76
C GLU B 66 -20.79 12.41 5.86
N ARG B 67 -21.07 11.54 6.78
CA ARG B 67 -20.33 10.27 6.86
C ARG B 67 -20.39 9.49 5.52
N MET B 68 -21.57 9.43 4.88
CA MET B 68 -21.72 8.59 3.72
C MET B 68 -20.81 9.14 2.63
N LYS B 69 -20.79 10.45 2.49
CA LYS B 69 -19.87 11.02 1.46
C LYS B 69 -18.44 10.70 1.80
N ASP B 70 -18.07 10.66 3.06
CA ASP B 70 -16.72 10.24 3.48
C ASP B 70 -16.47 8.80 3.07
N THR B 71 -17.43 7.94 3.37
CA THR B 71 -17.35 6.54 3.06
C THR B 71 -17.17 6.33 1.53
N LEU B 72 -17.97 7.04 0.73
CA LEU B 72 -17.88 6.85 -0.72
C LEU B 72 -16.55 7.28 -1.27
N ARG B 73 -16.03 8.38 -0.76
CA ARG B 73 -14.71 8.88 -1.25
C ARG B 73 -13.66 7.85 -0.96
N ILE B 74 -13.60 7.36 0.25
CA ILE B 74 -12.54 6.41 0.63
C ILE B 74 -12.72 5.06 -0.04
N ALA B 75 -13.94 4.63 -0.23
CA ALA B 75 -14.26 3.45 -1.00
C ALA B 75 -13.74 3.61 -2.44
N TYR B 76 -14.04 4.73 -3.06
CA TYR B 76 -13.53 4.98 -4.43
C TYR B 76 -12.02 4.93 -4.48
N LEU B 77 -11.37 5.59 -3.54
CA LEU B 77 -9.91 5.64 -3.56
C LEU B 77 -9.23 4.32 -3.21
N THR B 78 -9.85 3.48 -2.40
CA THR B 78 -9.33 2.14 -2.11
C THR B 78 -9.83 1.07 -3.09
N GLU B 79 -10.62 1.45 -4.09
CA GLU B 79 -11.19 0.45 -4.98
C GLU B 79 -11.91 -0.66 -4.23
N ALA B 80 -12.55 -0.29 -3.11
CA ALA B 80 -13.33 -1.22 -2.36
C ALA B 80 -14.54 -1.71 -3.11
N LYS B 81 -14.83 -2.97 -3.05
CA LYS B 81 -16.01 -3.56 -3.65
C LYS B 81 -17.24 -3.19 -2.88
N VAL B 82 -18.17 -2.55 -3.57
CA VAL B 82 -19.52 -2.33 -3.04
C VAL B 82 -20.35 -3.56 -3.36
N GLU B 83 -20.96 -4.11 -2.30
CA GLU B 83 -21.83 -5.26 -2.44
C GLU B 83 -23.19 -4.80 -2.86
N LYS B 84 -23.84 -4.04 -1.98
CA LYS B 84 -25.20 -3.52 -2.22
C LYS B 84 -25.30 -2.05 -1.85
N LEU B 85 -26.21 -1.37 -2.54
CA LEU B 85 -26.75 -0.07 -2.08
C LEU B 85 -28.23 -0.19 -1.85
N CYS B 86 -28.69 0.36 -0.73
CA CYS B 86 -30.08 0.65 -0.56
C CYS B 86 -30.34 2.07 -1.00
N VAL B 87 -31.23 2.23 -1.96
CA VAL B 87 -31.50 3.55 -2.49
C VAL B 87 -32.97 3.87 -2.57
N TRP B 88 -33.24 5.16 -2.54
CA TRP B 88 -34.59 5.70 -2.85
C TRP B 88 -34.71 5.78 -4.33
N ASN B 89 -35.61 4.96 -4.88
CA ASN B 89 -35.76 4.83 -6.34
C ASN B 89 -36.78 5.81 -6.93
N ASN B 90 -37.22 6.74 -6.10
CA ASN B 90 -38.06 7.87 -6.50
C ASN B 90 -37.34 9.20 -6.61
N LYS B 91 -35.99 9.15 -6.57
CA LYS B 91 -35.13 10.29 -6.79
C LYS B 91 -34.36 10.03 -8.07
N THR B 92 -33.91 11.10 -8.70
CA THR B 92 -33.17 11.00 -9.96
C THR B 92 -31.92 11.87 -9.86
N PRO B 93 -30.73 11.23 -9.91
CA PRO B 93 -30.52 9.80 -9.82
C PRO B 93 -30.95 9.24 -8.47
N HIS B 94 -31.02 7.93 -8.41
CA HIS B 94 -31.44 7.25 -7.17
C HIS B 94 -30.55 7.64 -6.00
N ALA B 95 -31.12 7.82 -4.82
CA ALA B 95 -30.41 8.44 -3.72
C ALA B 95 -30.04 7.40 -2.69
N ILE B 96 -28.80 7.42 -2.26
CA ILE B 96 -28.25 6.37 -1.40
C ILE B 96 -28.82 6.56 0.02
N ALA B 97 -29.40 5.48 0.50
CA ALA B 97 -29.77 5.31 1.93
C ALA B 97 -28.79 4.52 2.75
N ALA B 98 -28.24 3.44 2.18
CA ALA B 98 -27.25 2.65 2.87
C ALA B 98 -26.29 2.00 1.85
N ILE B 99 -25.16 1.52 2.38
CA ILE B 99 -24.14 0.82 1.56
C ILE B 99 -23.63 -0.39 2.34
N SER B 100 -23.34 -1.51 1.66
CA SER B 100 -22.62 -2.63 2.24
C SER B 100 -21.40 -2.87 1.34
N MET B 101 -20.29 -3.20 1.97
CA MET B 101 -19.03 -3.51 1.29
C MET B 101 -18.57 -4.87 1.81
N ALA B 102 -18.07 -5.73 0.96
CA ALA B 102 -17.47 -6.99 1.36
C ALA B 102 -16.43 -7.39 0.31
N ASN B 103 -15.37 -8.06 0.79
CA ASN B 103 -14.25 -8.63 -0.01
C ASN B 103 -14.65 -9.21 -1.37
N THR C 1 -9.54 3.01 36.81
CA THR C 1 -9.59 2.88 35.32
C THR C 1 -9.08 1.49 34.88
N PRO C 2 -9.78 0.85 33.92
CA PRO C 2 -9.32 -0.41 33.40
C PRO C 2 -8.13 -0.26 32.46
N GLN C 3 -7.38 -1.35 32.35
CA GLN C 3 -6.15 -1.38 31.57
C GLN C 3 -6.26 -2.16 30.25
N ASN C 4 -7.39 -2.85 30.06
CA ASN C 4 -7.69 -3.57 28.82
C ASN C 4 -9.20 -3.78 28.65
N ILE C 5 -9.54 -4.28 27.49
CA ILE C 5 -10.93 -4.36 27.09
C ILE C 5 -11.73 -5.32 27.96
N THR C 6 -11.08 -6.41 28.44
CA THR C 6 -11.76 -7.40 29.30
C THR C 6 -12.12 -6.84 30.66
N ASP C 7 -11.20 -6.12 31.29
CA ASP C 7 -11.50 -5.47 32.56
C ASP C 7 -12.52 -4.34 32.42
N LEU C 8 -12.41 -3.60 31.30
CA LEU C 8 -13.41 -2.60 30.94
C LEU C 8 -14.84 -3.20 30.82
N CYS C 9 -14.96 -4.32 30.11
CA CYS C 9 -16.25 -4.92 29.85
CA CYS C 9 -16.24 -4.98 29.86
C CYS C 9 -16.89 -5.35 31.18
N ALA C 10 -16.05 -5.85 32.09
CA ALA C 10 -16.53 -6.34 33.40
C ALA C 10 -17.17 -5.26 34.25
N GLU C 11 -16.94 -3.97 33.94
CA GLU C 11 -17.55 -2.83 34.65
C GLU C 11 -19.02 -2.60 34.34
N TYR C 12 -19.55 -3.25 33.29
CA TYR C 12 -20.85 -2.99 32.76
C TYR C 12 -21.76 -4.21 32.89
N HIS C 13 -23.04 -3.95 33.11
CA HIS C 13 -24.08 -4.99 33.03
C HIS C 13 -24.42 -5.36 31.58
N ASN C 14 -24.84 -6.59 31.37
CA ASN C 14 -25.36 -7.06 30.09
C ASN C 14 -24.30 -7.00 29.01
N THR C 15 -23.04 -7.24 29.37
CA THR C 15 -21.96 -7.27 28.35
C THR C 15 -21.25 -8.58 28.36
N GLN C 16 -20.51 -8.81 27.27
CA GLN C 16 -19.64 -9.94 27.17
C GLN C 16 -18.60 -9.64 26.09
N ILE C 17 -17.48 -10.35 26.23
CA ILE C 17 -16.34 -10.26 25.30
C ILE C 17 -16.51 -11.32 24.20
N TYR C 18 -16.51 -10.86 22.94
CA TYR C 18 -16.34 -11.71 21.78
C TYR C 18 -14.88 -11.61 21.32
N THR C 19 -14.25 -12.79 21.23
CA THR C 19 -12.89 -12.96 20.74
C THR C 19 -12.89 -13.46 19.26
N LEU C 20 -12.52 -12.58 18.35
CA LEU C 20 -12.66 -12.85 16.91
C LEU C 20 -11.36 -13.20 16.27
N ASN C 21 -10.32 -12.49 16.66
CA ASN C 21 -9.02 -12.57 16.03
C ASN C 21 -9.15 -12.71 14.53
N ASP C 22 -9.90 -11.82 13.93
CA ASP C 22 -10.08 -11.90 12.47
C ASP C 22 -10.47 -10.52 11.96
N LYS C 23 -10.20 -10.24 10.70
CA LYS C 23 -10.70 -9.03 10.04
C LYS C 23 -12.22 -9.03 9.89
N ILE C 24 -12.72 -7.82 9.65
CA ILE C 24 -14.09 -7.63 9.41
C ILE C 24 -14.46 -8.12 8.06
N PHE C 25 -15.51 -8.90 7.97
CA PHE C 25 -15.94 -9.56 6.74
C PHE C 25 -16.75 -8.60 5.90
N SER C 26 -17.63 -7.80 6.50
CA SER C 26 -18.37 -6.82 5.74
C SER C 26 -18.69 -5.63 6.62
N TYR C 27 -18.85 -4.46 5.99
CA TYR C 27 -19.16 -3.21 6.65
C TYR C 27 -20.39 -2.62 5.97
N THR C 28 -21.43 -2.38 6.76
CA THR C 28 -22.59 -1.65 6.27
C THR C 28 -22.86 -0.36 7.04
N GLU C 29 -23.26 0.69 6.34
CA GLU C 29 -23.68 1.90 7.01
C GLU C 29 -24.89 2.52 6.33
N SER C 30 -25.73 3.09 7.19
CA SER C 30 -27.00 3.65 6.81
C SER C 30 -27.17 5.09 7.26
N LEU C 31 -27.73 5.92 6.38
CA LEU C 31 -28.14 7.30 6.70
C LEU C 31 -29.69 7.42 6.79
N ALA C 32 -30.38 6.28 6.63
CA ALA C 32 -31.86 6.24 6.64
C ALA C 32 -32.36 6.70 8.01
N GLY C 33 -33.32 7.63 7.97
CA GLY C 33 -34.03 8.11 9.18
C GLY C 33 -34.34 7.08 10.26
N LYS C 34 -33.83 7.35 11.45
CA LYS C 34 -33.99 6.46 12.60
C LYS C 34 -33.19 5.15 12.55
N ARG C 35 -32.37 4.96 11.50
CA ARG C 35 -31.49 3.82 11.39
C ARG C 35 -30.12 4.30 10.96
N GLU C 36 -29.67 5.38 11.59
CA GLU C 36 -28.35 5.91 11.30
C GLU C 36 -27.37 5.08 12.12
N MET C 37 -27.00 3.91 11.60
CA MET C 37 -26.13 2.94 12.29
C MET C 37 -25.07 2.39 11.39
N ALA C 38 -24.18 1.62 12.00
CA ALA C 38 -23.27 0.73 11.26
C ALA C 38 -23.50 -0.70 11.71
N ILE C 39 -23.27 -1.63 10.80
CA ILE C 39 -23.32 -3.05 11.04
C ILE C 39 -22.03 -3.65 10.53
N ILE C 40 -21.38 -4.49 11.31
CA ILE C 40 -20.24 -5.28 10.86
C ILE C 40 -20.48 -6.76 11.00
N THR C 41 -19.92 -7.56 10.13
CA THR C 41 -19.98 -9.00 10.23
C THR C 41 -18.63 -9.60 10.18
N PHE C 42 -18.54 -10.82 10.71
CA PHE C 42 -17.35 -11.65 10.61
C PHE C 42 -17.64 -12.94 9.87
N LYS C 43 -16.58 -13.55 9.36
CA LYS C 43 -16.72 -14.76 8.54
C LYS C 43 -17.38 -15.91 9.30
N ASN C 44 -17.18 -15.94 10.62
CA ASN C 44 -17.82 -16.95 11.49
C ASN C 44 -19.33 -16.78 11.68
N GLY C 45 -19.92 -15.72 11.14
CA GLY C 45 -21.34 -15.46 11.23
C GLY C 45 -21.72 -14.38 12.27
N ALA C 46 -20.77 -13.92 13.06
CA ALA C 46 -21.07 -12.89 14.06
C ALA C 46 -21.51 -11.65 13.38
N ILE C 47 -22.51 -10.99 13.93
CA ILE C 47 -23.01 -9.73 13.41
C ILE C 47 -23.09 -8.74 14.56
N PHE C 48 -22.57 -7.54 14.43
CA PHE C 48 -22.59 -6.53 15.48
C PHE C 48 -23.00 -5.15 14.97
N GLN C 49 -23.57 -4.34 15.84
CA GLN C 49 -23.98 -3.00 15.45
C GLN C 49 -23.24 -1.98 16.27
N VAL C 50 -23.13 -0.78 15.71
CA VAL C 50 -22.95 0.47 16.47
C VAL C 50 -24.34 1.12 16.49
N GLU C 51 -24.91 1.28 17.69
CA GLU C 51 -26.31 1.66 17.82
C GLU C 51 -26.56 3.05 17.31
N VAL C 52 -27.80 3.26 16.85
CA VAL C 52 -28.31 4.58 16.56
C VAL C 52 -28.24 5.38 17.88
N PRO C 53 -27.74 6.63 17.83
CA PRO C 53 -27.72 7.43 19.07
C PRO C 53 -29.13 7.67 19.64
N GLY C 54 -29.26 7.69 20.96
CA GLY C 54 -30.56 7.56 21.61
C GLY C 54 -30.48 7.77 23.11
N SER C 55 -31.61 7.59 23.79
CA SER C 55 -31.72 7.92 25.23
C SER C 55 -30.93 7.01 26.17
N GLN C 56 -30.47 5.86 25.69
CA GLN C 56 -29.49 5.04 26.41
C GLN C 56 -28.06 5.65 26.43
N HIS C 57 -27.81 6.69 25.62
CA HIS C 57 -26.50 7.33 25.52
C HIS C 57 -26.43 8.71 26.17
N ILE C 58 -25.40 8.92 26.97
CA ILE C 58 -25.12 10.22 27.57
C ILE C 58 -24.31 11.07 26.60
N ASP C 59 -24.30 12.38 26.82
CA ASP C 59 -23.68 13.27 25.83
C ASP C 59 -22.21 12.93 25.55
N SER C 60 -21.46 12.50 26.56
CA SER C 60 -20.02 12.17 26.36
C SER C 60 -19.83 11.04 25.35
N GLN C 61 -20.83 10.17 25.22
CA GLN C 61 -20.75 9.09 24.24
C GLN C 61 -21.00 9.47 22.81
N LYS C 62 -21.53 10.66 22.51
CA LYS C 62 -21.93 10.97 21.16
C LYS C 62 -20.72 10.98 20.24
N LYS C 63 -19.66 11.67 20.65
CA LYS C 63 -18.44 11.75 19.79
C LYS C 63 -17.79 10.37 19.69
N ALA C 64 -17.90 9.59 20.76
CA ALA C 64 -17.32 8.23 20.79
C ALA C 64 -18.03 7.29 19.83
N ILE C 65 -19.35 7.38 19.74
CA ILE C 65 -20.14 6.57 18.81
C ILE C 65 -19.66 6.92 17.37
N GLU C 66 -19.58 8.21 17.03
CA GLU C 66 -19.10 8.62 15.69
C GLU C 66 -17.70 8.12 15.49
N ARG C 67 -16.84 8.26 16.48
CA ARG C 67 -15.46 7.66 16.38
C ARG C 67 -15.41 6.14 16.10
N MET C 68 -16.25 5.38 16.79
CA MET C 68 -16.28 3.97 16.59
C MET C 68 -16.66 3.60 15.18
N LYS C 69 -17.65 4.26 14.58
CA LYS C 69 -17.97 4.04 13.17
C LYS C 69 -16.77 4.37 12.29
N ASP C 70 -16.05 5.42 12.64
CA ASP C 70 -14.80 5.83 11.82
C ASP C 70 -13.84 4.66 11.92
N THR C 71 -13.69 4.16 13.14
CA THR C 71 -12.72 3.06 13.39
C THR C 71 -13.10 1.82 12.63
N LEU C 72 -14.34 1.40 12.68
CA LEU C 72 -14.79 0.18 12.01
C LEU C 72 -14.53 0.27 10.48
N ARG C 73 -14.88 1.41 9.91
CA ARG C 73 -14.69 1.64 8.48
C ARG C 73 -13.22 1.49 8.13
N ILE C 74 -12.34 2.15 8.86
CA ILE C 74 -10.94 2.11 8.44
C ILE C 74 -10.43 0.71 8.71
N ALA C 75 -10.80 0.10 9.82
CA ALA C 75 -10.37 -1.29 10.12
C ALA C 75 -10.81 -2.20 8.97
N TYR C 76 -12.04 -2.06 8.49
CA TYR C 76 -12.54 -2.85 7.42
C TYR C 76 -11.66 -2.70 6.16
N LEU C 77 -11.40 -1.48 5.86
CA LEU C 77 -10.66 -1.18 4.58
C LEU C 77 -9.16 -1.53 4.65
N THR C 78 -8.57 -1.58 5.84
CA THR C 78 -7.18 -1.98 6.06
C THR C 78 -7.06 -3.47 6.34
N GLU C 79 -8.19 -4.17 6.39
CA GLU C 79 -8.21 -5.60 6.82
C GLU C 79 -7.51 -5.86 8.15
N ALA C 80 -7.64 -4.91 9.07
CA ALA C 80 -7.03 -5.00 10.38
C ALA C 80 -7.71 -6.06 11.22
N LYS C 81 -6.90 -6.86 11.87
CA LYS C 81 -7.41 -7.94 12.70
C LYS C 81 -8.05 -7.37 13.94
N VAL C 82 -9.28 -7.78 14.20
CA VAL C 82 -9.98 -7.41 15.42
C VAL C 82 -9.76 -8.52 16.40
N GLU C 83 -9.22 -8.18 17.56
CA GLU C 83 -8.94 -9.14 18.58
C GLU C 83 -10.28 -9.46 19.29
N LYS C 84 -10.77 -8.45 20.04
CA LYS C 84 -11.95 -8.62 20.88
C LYS C 84 -12.94 -7.51 20.67
N LEU C 85 -14.22 -7.80 20.92
CA LEU C 85 -15.26 -6.79 20.98
C LEU C 85 -15.94 -6.99 22.34
N CYS C 86 -16.09 -5.88 23.02
CA CYS C 86 -16.96 -5.81 24.21
C CYS C 86 -18.32 -5.41 23.67
N VAL C 87 -19.34 -6.24 23.93
CA VAL C 87 -20.67 -5.93 23.40
C VAL C 87 -21.77 -6.07 24.44
N TRP C 88 -22.80 -5.28 24.23
CA TRP C 88 -24.07 -5.48 24.95
C TRP C 88 -24.85 -6.59 24.26
N ASN C 89 -25.09 -7.64 25.04
CA ASN C 89 -25.77 -8.81 24.58
C ASN C 89 -27.28 -8.82 24.83
N ASN C 90 -27.82 -7.69 25.26
CA ASN C 90 -29.29 -7.50 25.36
C ASN C 90 -29.86 -6.72 24.20
N LYS C 91 -29.07 -6.62 23.13
CA LYS C 91 -29.55 -6.12 21.84
C LYS C 91 -29.22 -7.12 20.73
N THR C 92 -29.99 -7.03 19.65
CA THR C 92 -29.84 -7.84 18.43
C THR C 92 -29.66 -6.85 17.26
N PRO C 93 -28.60 -6.91 16.43
CA PRO C 93 -27.39 -7.60 16.76
C PRO C 93 -26.74 -7.04 18.00
N HIS C 94 -25.85 -7.77 18.64
CA HIS C 94 -25.17 -7.19 19.82
C HIS C 94 -24.46 -5.87 19.56
N ALA C 95 -24.48 -4.93 20.47
CA ALA C 95 -24.10 -3.54 20.27
C ALA C 95 -22.71 -3.31 20.83
N ILE C 96 -21.79 -2.85 19.97
CA ILE C 96 -20.43 -2.65 20.36
C ILE C 96 -20.26 -1.53 21.43
N ALA C 97 -19.53 -1.84 22.51
CA ALA C 97 -19.07 -0.90 23.48
C ALA C 97 -17.59 -0.57 23.37
N ALA C 98 -16.80 -1.53 22.87
CA ALA C 98 -15.36 -1.41 22.88
C ALA C 98 -14.78 -2.45 21.89
N ILE C 99 -13.69 -2.02 21.25
CA ILE C 99 -12.97 -2.88 20.28
C ILE C 99 -11.48 -2.88 20.65
N SER C 100 -10.81 -4.03 20.50
CA SER C 100 -9.35 -4.13 20.63
C SER C 100 -8.85 -4.72 19.29
N MET C 101 -7.80 -4.12 18.75
CA MET C 101 -7.09 -4.57 17.56
C MET C 101 -5.66 -4.94 17.93
N ALA C 102 -5.20 -6.07 17.39
CA ALA C 102 -3.84 -6.57 17.58
C ALA C 102 -3.53 -7.62 16.55
N ASN C 103 -2.29 -7.65 16.08
CA ASN C 103 -1.90 -8.66 15.11
C ASN C 103 -0.40 -8.74 15.04
N THR D 1 8.57 28.65 23.57
CA THR D 1 7.91 27.43 23.00
C THR D 1 8.94 26.29 22.97
N PRO D 2 8.58 25.11 23.53
CA PRO D 2 9.56 24.01 23.42
C PRO D 2 9.76 23.51 22.00
N GLN D 3 10.91 22.92 21.74
CA GLN D 3 11.26 22.48 20.40
C GLN D 3 11.17 20.97 20.24
N ASN D 4 10.81 20.27 21.31
CA ASN D 4 10.83 18.80 21.28
C ASN D 4 9.97 18.28 22.43
N ILE D 5 9.57 17.03 22.30
CA ILE D 5 8.67 16.39 23.28
C ILE D 5 9.29 16.31 24.68
N THR D 6 10.61 16.15 24.74
CA THR D 6 11.29 16.07 26.03
C THR D 6 11.21 17.38 26.80
N ASP D 7 11.48 18.49 26.12
CA ASP D 7 11.36 19.79 26.77
C ASP D 7 9.92 20.18 27.10
N LEU D 8 8.98 19.80 26.23
CA LEU D 8 7.56 20.05 26.51
C LEU D 8 7.19 19.31 27.79
N CYS D 9 7.55 18.06 27.88
CA CYS D 9 7.11 17.21 28.97
C CYS D 9 7.63 17.74 30.32
N ALA D 10 8.83 18.28 30.30
CA ALA D 10 9.47 18.86 31.49
C ALA D 10 8.73 20.09 32.05
N GLU D 11 7.79 20.68 31.29
CA GLU D 11 7.00 21.82 31.74
C GLU D 11 5.83 21.43 32.66
N TYR D 12 5.60 20.13 32.84
CA TYR D 12 4.47 19.64 33.67
C TYR D 12 4.96 18.77 34.81
N HIS D 13 4.19 18.80 35.90
CA HIS D 13 4.44 18.02 37.10
C HIS D 13 3.83 16.63 36.88
N ASN D 14 4.46 15.63 37.49
CA ASN D 14 4.07 14.22 37.35
C ASN D 14 4.07 13.69 35.94
N THR D 15 5.01 14.15 35.13
CA THR D 15 5.21 13.52 33.83
C THR D 15 6.58 12.89 33.69
N GLN D 16 6.67 11.95 32.75
CA GLN D 16 7.95 11.44 32.34
C GLN D 16 7.83 11.01 30.89
N ILE D 17 9.00 10.86 30.29
CA ILE D 17 9.15 10.36 28.96
C ILE D 17 9.41 8.89 28.99
N TYR D 18 8.59 8.14 28.23
CA TYR D 18 8.90 6.75 27.88
C TYR D 18 9.47 6.76 26.46
N THR D 19 10.58 6.04 26.25
CA THR D 19 11.20 5.98 24.92
C THR D 19 10.93 4.57 24.43
N LEU D 20 9.93 4.42 23.58
CA LEU D 20 9.52 3.09 23.09
C LEU D 20 10.32 2.64 21.88
N ASN D 21 10.53 3.55 20.96
CA ASN D 21 11.12 3.23 19.68
C ASN D 21 10.54 1.96 19.05
N ASP D 22 9.19 1.90 19.02
CA ASP D 22 8.51 0.71 18.56
C ASP D 22 7.09 1.09 18.07
N LYS D 23 6.53 0.18 17.33
CA LYS D 23 5.20 0.30 16.82
CA LYS D 23 5.18 0.26 16.84
C LYS D 23 4.24 -0.03 18.00
N ILE D 24 3.03 0.46 17.89
CA ILE D 24 1.99 0.10 18.86
C ILE D 24 1.60 -1.37 18.62
N PHE D 25 1.54 -2.12 19.73
CA PHE D 25 1.23 -3.55 19.71
C PHE D 25 -0.29 -3.78 19.63
N SER D 26 -1.02 -2.97 20.40
CA SER D 26 -2.49 -3.09 20.34
C SER D 26 -3.15 -1.75 20.57
N TYR D 27 -4.34 -1.60 19.98
CA TYR D 27 -5.13 -0.36 20.05
C TYR D 27 -6.55 -0.75 20.46
N THR D 28 -6.96 -0.21 21.59
CA THR D 28 -8.30 -0.42 22.13
C THR D 28 -9.05 0.94 22.24
N GLU D 29 -10.34 0.95 21.89
CA GLU D 29 -11.14 2.15 22.10
C GLU D 29 -12.53 1.74 22.58
N SER D 30 -13.10 2.60 23.40
CA SER D 30 -14.36 2.33 24.03
C SER D 30 -15.26 3.53 23.84
N LEU D 31 -16.54 3.24 23.59
CA LEU D 31 -17.61 4.26 23.66
C LEU D 31 -18.52 4.11 24.87
N ALA D 32 -18.25 3.13 25.71
CA ALA D 32 -19.04 2.90 26.95
C ALA D 32 -19.05 4.17 27.80
N GLY D 33 -20.20 4.43 28.42
CA GLY D 33 -20.46 5.65 29.19
C GLY D 33 -19.52 5.77 30.36
N LYS D 34 -18.85 6.93 30.44
CA LYS D 34 -17.82 7.27 31.39
C LYS D 34 -16.45 6.56 31.19
N ARG D 35 -16.35 5.76 30.12
CA ARG D 35 -15.12 5.10 29.69
C ARG D 35 -14.84 5.40 28.22
N GLU D 36 -15.12 6.62 27.75
CA GLU D 36 -14.96 6.99 26.34
C GLU D 36 -13.48 7.30 26.20
N MET D 37 -12.67 6.25 26.00
CA MET D 37 -11.21 6.34 26.07
C MET D 37 -10.50 5.47 25.00
N ALA D 38 -9.20 5.64 24.92
CA ALA D 38 -8.35 4.72 24.15
C ALA D 38 -7.23 4.19 25.03
N ILE D 39 -6.78 2.98 24.71
CA ILE D 39 -5.67 2.38 25.40
C ILE D 39 -4.80 1.75 24.36
N ILE D 40 -3.49 1.96 24.50
CA ILE D 40 -2.51 1.33 23.63
C ILE D 40 -1.56 0.53 24.48
N THR D 41 -1.01 -0.54 23.90
CA THR D 41 0.05 -1.31 24.55
C THR D 41 1.23 -1.43 23.60
N PHE D 42 2.39 -1.75 24.19
CA PHE D 42 3.61 -2.03 23.45
C PHE D 42 4.09 -3.43 23.85
N LYS D 43 4.89 -4.00 22.97
CA LYS D 43 5.41 -5.36 23.14
C LYS D 43 6.14 -5.54 24.47
N ASN D 44 6.77 -4.46 24.94
CA ASN D 44 7.51 -4.48 26.20
C ASN D 44 6.61 -4.55 27.44
N GLY D 45 5.30 -4.50 27.25
CA GLY D 45 4.35 -4.57 28.36
C GLY D 45 3.71 -3.27 28.76
N ALA D 46 4.24 -2.14 28.26
CA ALA D 46 3.77 -0.81 28.61
C ALA D 46 2.35 -0.63 28.10
N ILE D 47 1.52 -0.06 28.99
CA ILE D 47 0.15 0.23 28.67
C ILE D 47 -0.09 1.70 28.93
N PHE D 48 -0.75 2.42 28.01
CA PHE D 48 -0.99 3.85 28.16
C PHE D 48 -2.42 4.13 27.75
N GLN D 49 -3.01 5.14 28.36
CA GLN D 49 -4.36 5.58 27.99
C GLN D 49 -4.33 6.97 27.43
N VAL D 50 -5.36 7.26 26.63
CA VAL D 50 -5.85 8.64 26.42
C VAL D 50 -7.06 8.76 27.36
N GLU D 51 -6.99 9.73 28.27
CA GLU D 51 -7.96 9.79 29.38
C GLU D 51 -9.30 10.25 28.84
N VAL D 52 -10.36 9.83 29.51
CA VAL D 52 -11.69 10.34 29.27
C VAL D 52 -11.66 11.87 29.49
N PRO D 53 -12.19 12.66 28.55
CA PRO D 53 -12.27 14.10 28.81
C PRO D 53 -13.05 14.39 30.11
N GLY D 54 -12.69 15.46 30.80
CA GLY D 54 -13.28 15.75 32.11
C GLY D 54 -12.74 17.00 32.77
N SER D 55 -13.22 17.26 33.99
CA SER D 55 -12.85 18.44 34.78
C SER D 55 -11.35 18.72 34.84
N GLN D 56 -10.53 17.66 34.91
CA GLN D 56 -9.07 17.79 34.88
C GLN D 56 -8.52 18.49 33.62
N HIS D 57 -9.31 18.51 32.55
CA HIS D 57 -8.91 19.13 31.30
C HIS D 57 -9.50 20.54 31.12
N ILE D 58 -8.86 21.32 30.26
CA ILE D 58 -9.31 22.67 29.92
C ILE D 58 -9.79 22.71 28.46
N ASP D 59 -10.59 23.71 28.13
CA ASP D 59 -11.33 23.72 26.88
C ASP D 59 -10.45 23.48 25.64
N SER D 60 -9.28 24.12 25.57
CA SER D 60 -8.39 23.96 24.39
C SER D 60 -7.80 22.55 24.25
N GLN D 61 -7.87 21.75 25.32
CA GLN D 61 -7.45 20.36 25.27
C GLN D 61 -8.46 19.40 24.64
N LYS D 62 -9.74 19.78 24.61
CA LYS D 62 -10.82 18.90 24.11
C LYS D 62 -10.55 18.40 22.70
N LYS D 63 -10.31 19.35 21.79
CA LYS D 63 -9.96 19.01 20.41
C LYS D 63 -8.65 18.22 20.34
N ALA D 64 -7.68 18.55 21.20
CA ALA D 64 -6.39 17.88 21.17
C ALA D 64 -6.51 16.41 21.64
N ILE D 65 -7.37 16.13 22.65
CA ILE D 65 -7.64 14.75 23.05
C ILE D 65 -8.20 13.94 21.90
N GLU D 66 -9.13 14.50 21.15
CA GLU D 66 -9.69 13.76 20.06
C GLU D 66 -8.66 13.55 18.97
N ARG D 67 -7.82 14.55 18.78
CA ARG D 67 -6.78 14.42 17.75
C ARG D 67 -5.83 13.31 18.11
N MET D 68 -5.54 13.18 19.40
CA MET D 68 -4.55 12.19 19.85
C MET D 68 -5.09 10.77 19.61
N LYS D 69 -6.40 10.55 19.87
CA LYS D 69 -6.95 9.23 19.60
C LYS D 69 -6.94 8.95 18.08
N ASP D 70 -7.20 9.96 17.24
CA ASP D 70 -7.05 9.90 15.77
C ASP D 70 -5.61 9.46 15.44
N THR D 71 -4.68 10.14 16.07
CA THR D 71 -3.23 9.85 15.79
C THR D 71 -2.86 8.43 16.19
N LEU D 72 -3.30 7.93 17.32
CA LEU D 72 -2.89 6.60 17.78
C LEU D 72 -3.50 5.54 16.90
N ARG D 73 -4.73 5.74 16.44
CA ARG D 73 -5.42 4.78 15.60
C ARG D 73 -4.62 4.61 14.30
N ILE D 74 -4.31 5.73 13.68
CA ILE D 74 -3.65 5.67 12.33
C ILE D 74 -2.19 5.28 12.53
N ALA D 75 -1.52 5.72 13.58
CA ALA D 75 -0.23 5.14 13.90
C ALA D 75 -0.26 3.59 14.00
N TYR D 76 -1.24 3.08 14.76
CA TYR D 76 -1.39 1.64 14.86
C TYR D 76 -1.51 0.96 13.48
N LEU D 77 -2.39 1.53 12.66
CA LEU D 77 -2.80 0.87 11.46
C LEU D 77 -1.69 1.00 10.38
N THR D 78 -0.81 1.95 10.56
CA THR D 78 0.32 2.10 9.60
C THR D 78 1.60 1.45 10.16
N GLU D 79 1.50 0.80 11.31
CA GLU D 79 2.71 0.32 12.00
C GLU D 79 3.79 1.40 12.15
N ALA D 80 3.37 2.63 12.37
CA ALA D 80 4.31 3.69 12.61
C ALA D 80 5.11 3.47 13.91
N LYS D 81 6.42 3.67 13.83
CA LYS D 81 7.25 3.66 15.01
C LYS D 81 6.94 4.86 15.91
N VAL D 82 6.53 4.59 17.14
CA VAL D 82 6.51 5.59 18.15
C VAL D 82 7.90 5.77 18.79
N GLU D 83 8.42 7.00 18.69
CA GLU D 83 9.68 7.37 19.33
C GLU D 83 9.44 7.50 20.83
N LYS D 84 8.76 8.59 21.24
CA LYS D 84 8.49 8.83 22.67
C LYS D 84 7.06 9.13 22.97
N LEU D 85 6.65 8.83 24.21
CA LEU D 85 5.44 9.35 24.82
C LEU D 85 5.82 10.14 26.05
N CYS D 86 5.21 11.29 26.17
CA CYS D 86 5.16 12.02 27.43
C CYS D 86 3.86 11.66 28.12
N VAL D 87 3.94 11.24 29.37
CA VAL D 87 2.81 10.69 30.07
C VAL D 87 2.77 11.17 31.48
N TRP D 88 1.55 11.30 31.97
CA TRP D 88 1.31 11.53 33.39
C TRP D 88 1.39 10.20 34.13
N ASN D 89 2.27 10.13 35.15
CA ASN D 89 2.58 8.85 35.79
C ASN D 89 1.83 8.67 37.12
N ASN D 90 0.90 9.58 37.38
CA ASN D 90 -0.02 9.52 38.52
C ASN D 90 -1.42 9.02 38.10
N LYS D 91 -1.49 8.34 36.95
CA LYS D 91 -2.70 7.68 36.48
C LYS D 91 -2.32 6.27 36.13
N THR D 92 -3.32 5.39 36.19
CA THR D 92 -3.19 4.00 35.84
C THR D 92 -4.28 3.62 34.85
N PRO D 93 -3.93 3.23 33.64
CA PRO D 93 -2.56 3.31 33.08
C PRO D 93 -2.07 4.72 32.95
N HIS D 94 -0.77 4.90 32.76
CA HIS D 94 -0.25 6.23 32.60
C HIS D 94 -0.91 6.88 31.42
N ALA D 95 -1.19 8.19 31.56
CA ALA D 95 -2.01 9.02 30.63
C ALA D 95 -1.12 9.81 29.66
N ILE D 96 -1.39 9.70 28.36
CA ILE D 96 -0.56 10.33 27.32
C ILE D 96 -0.82 11.82 27.30
N ALA D 97 0.25 12.61 27.40
CA ALA D 97 0.21 14.03 27.13
C ALA D 97 0.76 14.47 25.76
N ALA D 98 1.71 13.70 25.24
CA ALA D 98 2.28 13.96 23.92
C ALA D 98 2.90 12.73 23.31
N ILE D 99 3.08 12.74 21.98
CA ILE D 99 3.69 11.64 21.28
C ILE D 99 4.61 12.21 20.23
N SER D 100 5.69 11.50 20.01
CA SER D 100 6.55 11.75 18.82
C SER D 100 6.75 10.46 18.02
N MET D 101 6.83 10.62 16.68
CA MET D 101 7.02 9.51 15.79
C MET D 101 8.19 9.88 14.89
N ALA D 102 9.08 8.92 14.70
CA ALA D 102 10.21 9.08 13.80
C ALA D 102 10.50 7.70 13.21
N ASN D 103 10.72 7.63 11.90
CA ASN D 103 11.23 6.46 11.16
C ASN D 103 12.23 5.53 11.86
N THR E 1 -5.82 37.37 -5.37
CA THR E 1 -5.60 36.06 -4.68
C THR E 1 -4.30 35.43 -5.16
N PRO E 2 -3.49 34.90 -4.22
CA PRO E 2 -2.22 34.28 -4.59
C PRO E 2 -2.46 33.00 -5.34
N GLN E 3 -1.59 32.73 -6.31
CA GLN E 3 -1.65 31.49 -7.08
C GLN E 3 -0.62 30.49 -6.67
N ASN E 4 0.18 30.83 -5.66
CA ASN E 4 1.17 29.91 -5.16
C ASN E 4 1.63 30.31 -3.77
N ILE E 5 2.34 29.39 -3.14
CA ILE E 5 2.78 29.54 -1.75
C ILE E 5 3.69 30.75 -1.52
N THR E 6 4.58 30.99 -2.48
CA THR E 6 5.55 32.08 -2.39
C THR E 6 4.82 33.47 -2.46
N ASP E 7 3.86 33.62 -3.38
CA ASP E 7 3.02 34.81 -3.46
C ASP E 7 2.22 35.00 -2.23
N LEU E 8 1.70 33.91 -1.71
CA LEU E 8 0.92 33.96 -0.51
C LEU E 8 1.80 34.43 0.64
N CYS E 9 2.95 33.78 0.80
CA CYS E 9 3.89 34.10 1.86
C CYS E 9 4.36 35.56 1.82
N ALA E 10 4.64 36.01 0.59
CA ALA E 10 5.10 37.37 0.34
C ALA E 10 4.00 38.41 0.71
N GLU E 11 2.77 37.97 0.98
CA GLU E 11 1.69 38.86 1.47
C GLU E 11 1.85 39.33 2.92
N TYR E 12 2.60 38.57 3.74
CA TYR E 12 2.64 38.78 5.21
C TYR E 12 3.99 39.32 5.68
N HIS E 13 4.00 40.03 6.80
CA HIS E 13 5.24 40.49 7.43
C HIS E 13 5.92 39.32 8.16
N ASN E 14 7.24 39.37 8.23
CA ASN E 14 8.05 38.43 9.03
C ASN E 14 7.84 36.97 8.62
N THR E 15 7.64 36.73 7.33
CA THR E 15 7.53 35.37 6.84
C THR E 15 8.70 35.10 5.90
N GLN E 16 9.07 33.84 5.76
CA GLN E 16 9.96 33.44 4.67
C GLN E 16 9.58 32.07 4.17
N ILE E 17 10.07 31.76 2.98
CA ILE E 17 9.93 30.47 2.36
C ILE E 17 11.15 29.61 2.69
N TYR E 18 10.90 28.40 3.19
CA TYR E 18 11.91 27.35 3.33
C TYR E 18 11.63 26.33 2.27
N THR E 19 12.62 26.03 1.45
CA THR E 19 12.45 25.06 0.39
C THR E 19 13.14 23.81 0.90
N LEU E 20 12.33 22.83 1.28
CA LEU E 20 12.86 21.62 1.88
C LEU E 20 13.10 20.49 0.87
N ASN E 21 12.13 20.29 -0.02
CA ASN E 21 12.11 19.17 -0.96
C ASN E 21 12.46 17.84 -0.32
N ASP E 22 11.79 17.53 0.78
CA ASP E 22 12.14 16.38 1.55
C ASP E 22 10.92 16.02 2.35
N LYS E 23 10.87 14.75 2.71
CA LYS E 23 9.84 14.27 3.61
C LYS E 23 10.10 14.70 5.01
N ILE E 24 9.06 14.60 5.83
CA ILE E 24 9.19 14.95 7.22
C ILE E 24 9.88 13.82 8.00
N PHE E 25 10.90 14.18 8.81
CA PHE E 25 11.69 13.22 9.56
C PHE E 25 10.99 12.75 10.89
N SER E 26 10.38 13.69 11.59
CA SER E 26 9.61 13.38 12.82
C SER E 26 8.39 14.26 12.92
N TYR E 27 7.37 13.72 13.62
CA TYR E 27 6.11 14.41 13.87
C TYR E 27 5.80 14.20 15.33
N THR E 28 5.57 15.32 16.02
CA THR E 28 5.20 15.37 17.43
C THR E 28 3.91 16.15 17.63
N GLU E 29 3.04 15.66 18.53
CA GLU E 29 1.88 16.43 18.91
C GLU E 29 1.57 16.25 20.39
N SER E 30 1.01 17.32 20.96
CA SER E 30 0.78 17.40 22.38
C SER E 30 -0.65 17.76 22.63
N LEU E 31 -1.28 17.19 23.68
CA LEU E 31 -2.59 17.65 24.13
C LEU E 31 -2.47 18.33 25.49
N ALA E 32 -1.25 18.54 25.96
CA ALA E 32 -1.00 19.14 27.30
C ALA E 32 -1.56 20.56 27.33
N GLY E 33 -2.13 20.93 28.48
CA GLY E 33 -2.77 22.24 28.60
C GLY E 33 -1.85 23.40 28.29
N LYS E 34 -2.33 24.35 27.47
CA LYS E 34 -1.52 25.47 26.96
C LYS E 34 -0.42 25.11 25.95
N ARG E 35 -0.24 23.82 25.63
CA ARG E 35 0.76 23.39 24.66
C ARG E 35 0.14 22.47 23.61
N GLU E 36 -1.03 22.85 23.13
CA GLU E 36 -1.80 21.99 22.21
C GLU E 36 -1.26 22.37 20.86
N MET E 37 -0.17 21.72 20.49
CA MET E 37 0.64 22.11 19.32
C MET E 37 1.14 20.89 18.58
N ALA E 38 1.76 21.15 17.43
CA ALA E 38 2.51 20.12 16.74
C ALA E 38 3.88 20.64 16.39
N ILE E 39 4.83 19.71 16.25
CA ILE E 39 6.23 19.98 15.87
C ILE E 39 6.68 18.98 14.82
N ILE E 40 7.32 19.46 13.76
CA ILE E 40 7.86 18.55 12.76
C ILE E 40 9.33 18.88 12.63
N THR E 41 10.12 17.87 12.23
CA THR E 41 11.53 18.12 11.90
C THR E 41 11.87 17.50 10.61
N PHE E 42 12.95 18.06 10.02
CA PHE E 42 13.52 17.51 8.83
C PHE E 42 14.92 17.00 9.11
N LYS E 43 15.45 16.17 8.22
CA LYS E 43 16.73 15.50 8.40
C LYS E 43 17.88 16.50 8.48
N ASN E 44 17.71 17.66 7.85
CA ASN E 44 18.70 18.72 7.91
C ASN E 44 18.75 19.47 9.26
N GLY E 45 17.92 19.03 10.22
CA GLY E 45 17.84 19.66 11.51
C GLY E 45 16.79 20.74 11.66
N ALA E 46 16.13 21.14 10.58
CA ALA E 46 15.11 22.16 10.62
C ALA E 46 13.97 21.67 11.54
N ILE E 47 13.48 22.55 12.40
CA ILE E 47 12.30 22.27 13.23
C ILE E 47 11.26 23.34 12.96
N PHE E 48 10.01 22.90 12.83
CA PHE E 48 8.90 23.86 12.67
C PHE E 48 7.74 23.50 13.60
N GLN E 49 6.89 24.50 13.91
CA GLN E 49 5.70 24.24 14.77
C GLN E 49 4.45 24.66 14.04
N VAL E 50 3.33 24.04 14.43
CA VAL E 50 2.02 24.63 14.19
C VAL E 50 1.70 25.18 15.56
N GLU E 51 1.62 26.50 15.62
CA GLU E 51 1.33 27.14 16.91
C GLU E 51 0.08 26.71 17.67
N VAL E 52 0.16 26.85 18.98
CA VAL E 52 -1.00 26.75 19.89
CA VAL E 52 -1.03 26.73 19.83
C VAL E 52 -2.00 27.87 19.46
N PRO E 53 -3.32 27.58 19.34
CA PRO E 53 -4.19 28.76 19.05
C PRO E 53 -4.23 29.81 20.19
N GLY E 54 -3.76 31.03 19.95
CA GLY E 54 -3.86 32.13 20.92
C GLY E 54 -4.55 33.36 20.38
N SER E 55 -4.28 34.48 21.06
CA SER E 55 -4.81 35.80 20.67
C SER E 55 -4.39 36.22 19.26
N GLN E 56 -3.19 35.79 18.83
CA GLN E 56 -2.63 36.18 17.53
C GLN E 56 -3.31 35.53 16.31
N HIS E 57 -4.32 34.69 16.56
CA HIS E 57 -5.13 34.08 15.48
C HIS E 57 -6.57 34.54 15.56
N ILE E 58 -7.11 35.04 14.46
CA ILE E 58 -8.55 35.23 14.37
C ILE E 58 -9.25 33.88 14.39
N ASP E 59 -10.45 33.85 14.96
CA ASP E 59 -11.18 32.61 15.18
C ASP E 59 -11.35 31.80 13.90
N SER E 60 -11.39 32.46 12.75
CA SER E 60 -11.44 31.74 11.44
C SER E 60 -10.21 30.87 11.06
N GLN E 61 -9.01 31.24 11.50
CA GLN E 61 -7.78 30.43 11.30
C GLN E 61 -7.73 29.17 12.16
N LYS E 62 -8.56 29.10 13.19
CA LYS E 62 -8.62 27.93 14.09
C LYS E 62 -8.85 26.65 13.32
N LYS E 63 -9.85 26.63 12.44
CA LYS E 63 -10.07 25.45 11.60
C LYS E 63 -8.89 25.12 10.69
N ALA E 64 -8.20 26.13 10.19
CA ALA E 64 -7.07 25.88 9.26
C ALA E 64 -5.83 25.30 10.01
N ILE E 65 -5.69 25.71 11.27
CA ILE E 65 -4.69 25.22 12.19
C ILE E 65 -4.90 23.73 12.44
N GLU E 66 -6.16 23.35 12.69
CA GLU E 66 -6.50 21.94 12.86
C GLU E 66 -6.22 21.14 11.58
N ARG E 67 -6.61 21.67 10.44
CA ARG E 67 -6.33 21.04 9.16
C ARG E 67 -4.84 20.91 8.91
N MET E 68 -4.06 21.92 9.26
CA MET E 68 -2.62 21.79 9.02
C MET E 68 -2.02 20.64 9.81
N LYS E 69 -2.43 20.45 11.06
CA LYS E 69 -1.85 19.36 11.81
C LYS E 69 -2.29 18.03 11.22
N ASP E 70 -3.50 17.97 10.69
CA ASP E 70 -3.98 16.78 10.01
C ASP E 70 -3.11 16.54 8.76
N THR E 71 -2.88 17.58 7.98
CA THR E 71 -2.02 17.48 6.79
C THR E 71 -0.59 17.01 7.11
N LEU E 72 0.05 17.66 8.07
CA LEU E 72 1.40 17.21 8.49
C LEU E 72 1.44 15.76 8.96
N ARG E 73 0.44 15.32 9.75
CA ARG E 73 0.45 13.96 10.19
C ARG E 73 0.41 12.95 8.97
N ILE E 74 -0.49 13.18 8.02
CA ILE E 74 -0.69 12.24 6.95
C ILE E 74 0.49 12.40 6.01
N ALA E 75 1.05 13.59 5.90
CA ALA E 75 2.25 13.72 5.02
C ALA E 75 3.39 12.88 5.60
N TYR E 76 3.60 12.99 6.88
CA TYR E 76 4.63 12.23 7.59
C TYR E 76 4.43 10.74 7.38
N LEU E 77 3.17 10.29 7.58
CA LEU E 77 2.88 8.86 7.48
C LEU E 77 2.94 8.30 6.06
N THR E 78 2.73 9.12 5.06
CA THR E 78 2.81 8.70 3.66
C THR E 78 4.18 9.00 3.12
N GLU E 79 5.06 9.58 3.91
CA GLU E 79 6.40 9.93 3.44
C GLU E 79 6.36 10.87 2.26
N ALA E 80 5.39 11.77 2.25
CA ALA E 80 5.22 12.71 1.15
C ALA E 80 6.25 13.83 1.20
N LYS E 81 6.88 14.11 0.04
CA LYS E 81 7.84 15.19 -0.03
C LYS E 81 7.18 16.51 0.22
N VAL E 82 7.75 17.26 1.13
CA VAL E 82 7.33 18.65 1.34
C VAL E 82 8.21 19.50 0.40
N GLU E 83 7.57 20.29 -0.46
CA GLU E 83 8.32 21.19 -1.34
C GLU E 83 8.77 22.42 -0.53
N LYS E 84 7.80 23.24 -0.14
CA LYS E 84 8.02 24.51 0.58
C LYS E 84 7.14 24.63 1.81
N LEU E 85 7.66 25.31 2.83
CA LEU E 85 6.91 25.81 3.97
C LEU E 85 7.05 27.33 4.01
N CYS E 86 5.93 28.04 4.13
CA CYS E 86 5.92 29.47 4.44
C CYS E 86 5.82 29.60 5.95
N VAL E 87 6.75 30.33 6.56
CA VAL E 87 6.81 30.37 8.02
C VAL E 87 7.01 31.78 8.53
N TRP E 88 6.41 32.02 9.70
CA TRP E 88 6.81 33.15 10.55
C TRP E 88 8.17 32.87 11.17
N ASN E 89 9.17 33.61 10.74
CA ASN E 89 10.56 33.30 11.06
C ASN E 89 11.04 34.02 12.33
N ASN E 90 10.11 34.71 12.99
CA ASN E 90 10.39 35.44 14.21
C ASN E 90 9.99 34.60 15.42
N LYS E 91 9.36 33.42 15.18
CA LYS E 91 9.06 32.44 16.23
C LYS E 91 10.15 31.35 16.31
N THR E 92 10.35 30.76 17.48
CA THR E 92 11.24 29.60 17.69
C THR E 92 10.40 28.49 18.29
N PRO E 93 10.27 27.34 17.63
CA PRO E 93 10.68 27.08 16.25
C PRO E 93 9.90 27.95 15.26
N HIS E 94 10.40 28.13 14.03
CA HIS E 94 9.61 28.86 13.09
C HIS E 94 8.19 28.23 12.93
N ALA E 95 7.20 29.12 12.80
CA ALA E 95 5.79 28.76 12.88
C ALA E 95 5.25 28.62 11.46
N ILE E 96 4.60 27.50 11.16
CA ILE E 96 4.08 27.21 9.80
C ILE E 96 2.84 28.04 9.45
N ALA E 97 2.89 28.75 8.34
CA ALA E 97 1.73 29.50 7.82
C ALA E 97 1.06 28.77 6.63
N ALA E 98 1.88 28.07 5.86
CA ALA E 98 1.45 27.34 4.66
C ALA E 98 2.43 26.26 4.27
N ILE E 99 1.97 25.31 3.45
CA ILE E 99 2.73 24.17 3.01
C ILE E 99 2.42 23.89 1.54
N SER E 100 3.45 23.50 0.79
CA SER E 100 3.22 22.91 -0.51
C SER E 100 3.92 21.58 -0.60
N MET E 101 3.24 20.64 -1.25
CA MET E 101 3.74 19.30 -1.55
C MET E 101 3.72 19.08 -3.05
N ALA E 102 4.83 18.60 -3.57
CA ALA E 102 4.97 18.25 -4.97
C ALA E 102 6.03 17.18 -5.04
N ASN E 103 5.90 16.29 -6.02
CA ASN E 103 6.91 15.27 -6.34
C ASN E 103 7.17 14.32 -5.20
N THR F 1 37.49 -6.41 1.14
CA THR F 1 36.07 -6.14 0.78
C THR F 1 35.68 -4.77 1.36
N PRO F 2 35.06 -3.90 0.54
CA PRO F 2 34.68 -2.57 1.01
C PRO F 2 33.39 -2.61 1.80
N GLN F 3 33.16 -1.55 2.57
CA GLN F 3 32.01 -1.47 3.50
C GLN F 3 30.90 -0.50 3.10
N ASN F 4 31.12 0.20 1.99
CA ASN F 4 30.15 1.14 1.48
C ASN F 4 30.41 1.42 0.03
N ILE F 5 29.52 2.18 -0.59
CA ILE F 5 29.54 2.41 -2.02
C ILE F 5 30.73 3.23 -2.43
N THR F 6 31.09 4.21 -1.61
CA THR F 6 32.14 5.15 -1.97
C THR F 6 33.46 4.45 -2.02
N ASP F 7 33.73 3.63 -1.01
CA ASP F 7 34.98 2.84 -0.99
C ASP F 7 35.00 1.79 -2.09
N LEU F 8 33.88 1.13 -2.30
CA LEU F 8 33.74 0.20 -3.42
C LEU F 8 34.13 0.85 -4.75
N CYS F 9 33.61 2.04 -4.97
CA CYS F 9 33.76 2.75 -6.23
C CYS F 9 35.19 3.19 -6.45
N ALA F 10 35.91 3.45 -5.36
CA ALA F 10 37.31 3.85 -5.40
C ALA F 10 38.29 2.68 -5.49
N GLU F 11 37.78 1.45 -5.54
CA GLU F 11 38.60 0.28 -5.89
C GLU F 11 38.84 0.20 -7.40
N TYR F 12 38.02 0.92 -8.16
CA TYR F 12 38.17 0.99 -9.62
C TYR F 12 38.66 2.35 -10.05
N HIS F 13 39.48 2.34 -11.09
CA HIS F 13 39.87 3.56 -11.74
C HIS F 13 38.82 3.69 -12.81
N ASN F 14 38.54 4.91 -13.25
CA ASN F 14 37.49 5.20 -14.24
C ASN F 14 36.03 5.04 -13.77
N THR F 15 35.82 5.04 -12.46
CA THR F 15 34.46 5.20 -11.90
C THR F 15 34.36 6.53 -11.18
N GLN F 16 33.13 7.02 -11.01
CA GLN F 16 32.88 8.18 -10.14
C GLN F 16 31.62 7.98 -9.33
N ILE F 17 31.40 8.84 -8.33
CA ILE F 17 30.19 8.79 -7.51
C ILE F 17 29.31 9.98 -7.80
N TYR F 18 28.02 9.71 -8.03
CA TYR F 18 26.98 10.71 -8.17
C TYR F 18 26.14 10.49 -6.92
N THR F 19 25.91 11.56 -6.20
CA THR F 19 24.99 11.56 -5.05
C THR F 19 23.71 12.22 -5.52
N LEU F 20 22.63 11.44 -5.63
CA LEU F 20 21.36 11.94 -6.16
C LEU F 20 20.37 12.31 -5.06
N ASN F 21 20.36 11.48 -4.03
CA ASN F 21 19.41 11.64 -2.92
C ASN F 21 18.03 11.99 -3.39
N ASP F 22 17.51 11.16 -4.28
CA ASP F 22 16.25 11.41 -4.92
C ASP F 22 15.75 10.11 -5.53
N LYS F 23 14.43 10.05 -5.72
CA LYS F 23 13.79 8.99 -6.45
C LYS F 23 14.06 9.08 -7.96
N ILE F 24 13.97 7.95 -8.60
CA ILE F 24 14.15 7.87 -10.05
C ILE F 24 12.94 8.53 -10.74
N PHE F 25 13.23 9.40 -11.71
CA PHE F 25 12.24 10.19 -12.39
C PHE F 25 11.59 9.39 -13.52
N SER F 26 12.41 8.62 -14.24
CA SER F 26 11.89 7.72 -15.28
C SER F 26 12.73 6.47 -15.43
N TYR F 27 12.07 5.44 -15.93
CA TYR F 27 12.64 4.12 -16.11
C TYR F 27 12.28 3.63 -17.51
N THR F 28 13.31 3.28 -18.31
CA THR F 28 13.13 2.78 -19.65
C THR F 28 13.88 1.47 -19.79
N GLU F 29 13.28 0.49 -20.47
CA GLU F 29 13.95 -0.74 -20.77
C GLU F 29 13.56 -1.15 -22.20
N SER F 30 14.53 -1.84 -22.81
CA SER F 30 14.44 -2.27 -24.18
C SER F 30 14.84 -3.75 -24.31
N LEU F 31 14.12 -4.48 -25.16
CA LEU F 31 14.46 -5.83 -25.55
C LEU F 31 15.05 -5.91 -26.98
N ALA F 32 15.10 -4.76 -27.65
CA ALA F 32 15.55 -4.69 -29.05
C ALA F 32 17.00 -5.22 -29.22
N GLY F 33 17.22 -5.89 -30.34
CA GLY F 33 18.49 -6.57 -30.62
C GLY F 33 19.65 -5.58 -30.61
N LYS F 34 20.66 -5.93 -29.80
CA LYS F 34 21.86 -5.14 -29.46
C LYS F 34 21.65 -3.94 -28.55
N ARG F 35 20.41 -3.76 -28.06
CA ARG F 35 20.09 -2.63 -27.16
C ARG F 35 19.24 -3.16 -25.99
N GLU F 36 19.66 -4.29 -25.47
CA GLU F 36 18.96 -4.97 -24.36
C GLU F 36 19.49 -4.32 -23.09
N MET F 37 18.88 -3.21 -22.71
CA MET F 37 19.45 -2.32 -21.69
C MET F 37 18.34 -1.64 -20.92
N ALA F 38 18.74 -1.02 -19.83
CA ALA F 38 17.89 -0.06 -19.17
C ALA F 38 18.52 1.30 -19.02
N ILE F 39 17.66 2.30 -18.98
CA ILE F 39 18.01 3.70 -18.81
C ILE F 39 17.13 4.31 -17.72
N ILE F 40 17.74 4.96 -16.75
CA ILE F 40 17.00 5.76 -15.75
C ILE F 40 17.37 7.24 -15.83
N THR F 41 16.46 8.10 -15.42
CA THR F 41 16.79 9.50 -15.24
C THR F 41 16.35 10.05 -13.92
N PHE F 42 16.93 11.19 -13.58
CA PHE F 42 16.55 11.90 -12.39
C PHE F 42 16.08 13.29 -12.75
N LYS F 43 15.29 13.88 -11.84
CA LYS F 43 14.79 15.25 -12.00
C LYS F 43 15.92 16.29 -12.24
N ASN F 44 17.13 16.06 -11.74
CA ASN F 44 18.22 17.00 -11.99
C ASN F 44 18.77 16.94 -13.43
N GLY F 45 18.14 16.14 -14.33
CA GLY F 45 18.64 15.88 -15.68
C GLY F 45 19.67 14.76 -15.87
N ALA F 46 20.18 14.17 -14.79
CA ALA F 46 21.10 13.02 -14.95
C ALA F 46 20.43 11.83 -15.62
N ILE F 47 21.21 11.14 -16.47
CA ILE F 47 20.78 10.00 -17.23
C ILE F 47 21.82 8.93 -17.05
N PHE F 48 21.41 7.73 -16.74
CA PHE F 48 22.34 6.63 -16.53
C PHE F 48 21.80 5.38 -17.22
N GLN F 49 22.69 4.43 -17.55
CA GLN F 49 22.25 3.22 -18.19
C GLN F 49 22.75 2.03 -17.38
N VAL F 50 22.09 0.89 -17.56
CA VAL F 50 22.69 -0.39 -17.28
C VAL F 50 23.07 -0.93 -18.62
N GLU F 51 24.36 -1.19 -18.79
CA GLU F 51 24.86 -1.51 -20.12
C GLU F 51 24.34 -2.85 -20.63
N VAL F 52 24.22 -2.92 -21.95
CA VAL F 52 24.07 -4.17 -22.67
C VAL F 52 25.23 -5.10 -22.25
N PRO F 53 24.92 -6.34 -21.81
CA PRO F 53 25.99 -7.31 -21.48
C PRO F 53 26.90 -7.57 -22.69
N GLY F 54 28.19 -7.72 -22.48
CA GLY F 54 29.18 -7.69 -23.58
C GLY F 54 30.54 -8.18 -23.15
N SER F 55 31.52 -8.00 -24.03
CA SER F 55 32.89 -8.50 -23.80
C SER F 55 33.62 -7.83 -22.63
N GLN F 56 33.29 -6.56 -22.37
CA GLN F 56 33.78 -5.82 -21.20
C GLN F 56 33.37 -6.43 -19.86
N HIS F 57 32.24 -7.13 -19.86
CA HIS F 57 31.75 -7.79 -18.67
C HIS F 57 32.32 -9.18 -18.58
N ILE F 58 32.73 -9.54 -17.36
CA ILE F 58 33.13 -10.89 -17.06
C ILE F 58 31.90 -11.69 -16.70
N ASP F 59 32.03 -13.01 -16.69
CA ASP F 59 30.84 -13.86 -16.58
C ASP F 59 30.04 -13.59 -15.30
N SER F 60 30.74 -13.41 -14.17
CA SER F 60 30.08 -13.16 -12.88
C SER F 60 29.20 -11.91 -12.83
N GLN F 61 29.48 -10.95 -13.69
CA GLN F 61 28.67 -9.74 -13.76
C GLN F 61 27.31 -10.01 -14.41
N LYS F 62 27.15 -11.13 -15.12
CA LYS F 62 25.97 -11.31 -15.97
C LYS F 62 24.72 -11.34 -15.12
N LYS F 63 24.73 -12.12 -14.04
CA LYS F 63 23.55 -12.16 -13.14
C LYS F 63 23.39 -10.83 -12.42
N ALA F 64 24.50 -10.16 -12.14
CA ALA F 64 24.45 -8.91 -11.40
C ALA F 64 23.87 -7.76 -12.24
N ILE F 65 24.12 -7.80 -13.53
CA ILE F 65 23.52 -6.88 -14.47
C ILE F 65 22.01 -7.12 -14.46
N GLU F 66 21.56 -8.36 -14.47
CA GLU F 66 20.11 -8.60 -14.47
C GLU F 66 19.46 -8.14 -13.15
N ARG F 67 20.21 -8.36 -12.07
CA ARG F 67 19.75 -7.94 -10.73
C ARG F 67 19.61 -6.45 -10.64
N MET F 68 20.59 -5.70 -11.15
CA MET F 68 20.54 -4.26 -11.10
C MET F 68 19.31 -3.73 -11.88
N LYS F 69 18.97 -4.32 -13.03
CA LYS F 69 17.81 -3.84 -13.76
C LYS F 69 16.51 -4.15 -12.93
N ASP F 70 16.52 -5.30 -12.29
CA ASP F 70 15.43 -5.65 -11.30
C ASP F 70 15.34 -4.60 -10.21
N THR F 71 16.50 -4.29 -9.63
CA THR F 71 16.56 -3.32 -8.54
C THR F 71 16.04 -1.94 -8.97
N LEU F 72 16.49 -1.44 -10.11
CA LEU F 72 16.08 -0.13 -10.56
C LEU F 72 14.57 -0.08 -10.83
N ARG F 73 14.00 -1.12 -11.42
CA ARG F 73 12.56 -1.13 -11.77
C ARG F 73 11.75 -1.03 -10.46
N ILE F 74 12.13 -1.84 -9.50
CA ILE F 74 11.35 -1.81 -8.20
C ILE F 74 11.61 -0.54 -7.40
N ALA F 75 12.83 -0.02 -7.40
CA ALA F 75 13.09 1.27 -6.80
C ALA F 75 12.19 2.34 -7.44
N TYR F 76 12.11 2.33 -8.80
CA TYR F 76 11.29 3.28 -9.52
C TYR F 76 9.83 3.15 -9.03
N LEU F 77 9.33 1.94 -9.02
CA LEU F 77 7.88 1.75 -8.75
C LEU F 77 7.50 1.92 -7.31
N THR F 78 8.46 1.85 -6.41
CA THR F 78 8.25 2.15 -4.99
C THR F 78 8.64 3.58 -4.65
N GLU F 79 9.02 4.41 -5.64
CA GLU F 79 9.58 5.72 -5.34
C GLU F 79 10.68 5.78 -4.27
N ALA F 80 11.54 4.75 -4.23
CA ALA F 80 12.59 4.72 -3.27
C ALA F 80 13.65 5.73 -3.56
N LYS F 81 14.11 6.40 -2.51
CA LYS F 81 15.21 7.37 -2.64
C LYS F 81 16.49 6.67 -3.00
N VAL F 82 17.08 7.03 -4.14
CA VAL F 82 18.42 6.56 -4.45
C VAL F 82 19.42 7.50 -3.82
N GLU F 83 20.31 6.97 -2.98
CA GLU F 83 21.33 7.81 -2.35
C GLU F 83 22.46 8.15 -3.36
N LYS F 84 23.31 7.15 -3.66
CA LYS F 84 24.44 7.30 -4.61
C LYS F 84 24.39 6.27 -5.76
N LEU F 85 25.08 6.60 -6.87
CA LEU F 85 25.34 5.66 -7.93
C LEU F 85 26.83 5.72 -8.18
N CYS F 86 27.45 4.56 -8.25
CA CYS F 86 28.82 4.44 -8.72
C CYS F 86 28.72 4.15 -10.20
N VAL F 87 29.45 4.91 -11.03
CA VAL F 87 29.24 4.82 -12.46
C VAL F 87 30.52 4.89 -13.25
N TRP F 88 30.50 4.22 -14.40
CA TRP F 88 31.58 4.40 -15.37
C TRP F 88 31.34 5.68 -16.17
N ASN F 89 32.17 6.68 -15.89
CA ASN F 89 32.23 7.98 -16.57
C ASN F 89 32.55 7.95 -18.02
N ASN F 90 33.28 6.92 -18.44
CA ASN F 90 33.68 6.70 -19.86
C ASN F 90 32.53 6.51 -20.86
N LYS F 91 31.37 6.07 -20.36
CA LYS F 91 30.27 5.68 -21.22
C LYS F 91 29.30 6.83 -21.22
N THR F 92 28.49 6.92 -22.26
CA THR F 92 27.42 7.88 -22.29
C THR F 92 26.13 7.19 -22.84
N PRO F 93 25.05 7.13 -22.06
CA PRO F 93 25.01 7.66 -20.69
C PRO F 93 25.98 6.94 -19.75
N HIS F 94 26.39 7.61 -18.68
CA HIS F 94 27.20 6.94 -17.67
C HIS F 94 26.61 5.61 -17.20
N ALA F 95 27.43 4.58 -17.18
CA ALA F 95 27.00 3.18 -16.89
C ALA F 95 27.07 2.88 -15.39
N ILE F 96 25.96 2.39 -14.84
CA ILE F 96 25.89 2.05 -13.43
C ILE F 96 26.70 0.78 -13.06
N ALA F 97 27.55 0.92 -12.05
CA ALA F 97 28.35 -0.12 -11.41
C ALA F 97 27.76 -0.58 -10.04
N ALA F 98 27.07 0.33 -9.34
CA ALA F 98 26.55 0.05 -8.02
C ALA F 98 25.59 1.16 -7.66
N ILE F 99 24.70 0.83 -6.72
CA ILE F 99 23.65 1.69 -6.26
C ILE F 99 23.57 1.56 -4.73
N SER F 100 23.34 2.70 -4.09
CA SER F 100 22.96 2.71 -2.65
C SER F 100 21.64 3.44 -2.47
N MET F 101 20.84 2.89 -1.53
CA MET F 101 19.56 3.45 -1.14
C MET F 101 19.55 3.51 0.37
N ALA F 102 19.21 4.70 0.85
CA ALA F 102 19.10 4.96 2.27
C ALA F 102 17.80 5.73 2.49
N ASN F 103 17.13 5.35 3.56
CA ASN F 103 16.14 6.23 4.16
C ASN F 103 16.88 7.48 4.65
N THR G 1 17.55 -31.32 12.71
CA THR G 1 17.44 -30.03 11.96
C THR G 1 17.10 -28.94 12.96
N PRO G 2 17.86 -27.81 12.97
CA PRO G 2 17.56 -26.78 13.98
C PRO G 2 16.19 -26.15 13.71
N GLN G 3 15.54 -25.64 14.74
CA GLN G 3 14.20 -25.08 14.58
C GLN G 3 14.16 -23.57 14.65
N ASN G 4 15.34 -22.95 14.74
CA ASN G 4 15.45 -21.48 14.80
C ASN G 4 16.83 -21.05 14.37
N ILE G 5 16.97 -19.76 14.13
CA ILE G 5 18.20 -19.24 13.60
C ILE G 5 19.36 -19.39 14.61
N THR G 6 19.07 -19.39 15.91
CA THR G 6 20.13 -19.39 16.94
C THR G 6 20.75 -20.78 17.04
N ASP G 7 19.90 -21.81 17.01
CA ASP G 7 20.38 -23.20 16.96
C ASP G 7 21.05 -23.50 15.61
N LEU G 8 20.54 -22.94 14.50
CA LEU G 8 21.21 -23.08 13.20
C LEU G 8 22.61 -22.50 13.25
N CYS G 9 22.71 -21.26 13.70
CA CYS G 9 24.02 -20.56 13.82
C CYS G 9 25.05 -21.37 14.65
N ALA G 10 24.59 -21.99 15.74
CA ALA G 10 25.44 -22.81 16.61
C ALA G 10 26.08 -24.04 15.95
N GLU G 11 25.56 -24.48 14.80
CA GLU G 11 26.15 -25.58 14.03
C GLU G 11 27.39 -25.21 13.24
N TYR G 12 27.66 -23.92 13.04
CA TYR G 12 28.70 -23.50 12.10
C TYR G 12 29.93 -22.98 12.82
N HIS G 13 31.03 -22.87 12.07
CA HIS G 13 32.27 -22.36 12.63
C HIS G 13 32.42 -20.91 12.25
N ASN G 14 32.89 -20.13 13.23
CA ASN G 14 33.19 -18.73 13.04
C ASN G 14 31.93 -17.92 12.79
N THR G 15 30.83 -18.27 13.42
CA THR G 15 29.57 -17.52 13.29
C THR G 15 29.09 -16.97 14.61
N GLN G 16 28.28 -15.93 14.56
CA GLN G 16 27.57 -15.43 15.73
C GLN G 16 26.26 -14.81 15.30
N ILE G 17 25.36 -14.75 16.26
CA ILE G 17 24.08 -14.05 16.09
C ILE G 17 24.32 -12.58 16.44
N TYR G 18 23.87 -11.70 15.54
CA TYR G 18 23.59 -10.31 15.90
C TYR G 18 22.10 -10.14 15.94
N THR G 19 21.60 -9.50 17.00
CA THR G 19 20.20 -9.25 17.17
C THR G 19 20.06 -7.78 16.89
N LEU G 20 19.37 -7.48 15.81
CA LEU G 20 19.11 -6.12 15.44
C LEU G 20 17.74 -5.63 15.89
N ASN G 21 16.69 -6.42 15.68
CA ASN G 21 15.31 -5.96 15.90
C ASN G 21 15.03 -4.57 15.35
N ASP G 22 15.47 -4.37 14.12
CA ASP G 22 15.30 -3.11 13.45
C ASP G 22 15.23 -3.36 11.93
N LYS G 23 14.66 -2.38 11.24
CA LYS G 23 14.62 -2.37 9.79
C LYS G 23 16.06 -2.08 9.31
N ILE G 24 16.28 -2.44 8.06
CA ILE G 24 17.55 -2.10 7.36
C ILE G 24 17.62 -0.62 7.10
N PHE G 25 18.76 -0.02 7.46
CA PHE G 25 18.94 1.40 7.29
C PHE G 25 19.36 1.75 5.87
N SER G 26 20.30 1.00 5.33
CA SER G 26 20.68 1.21 3.94
C SER G 26 20.94 -0.11 3.23
N TYR G 27 20.67 -0.07 1.92
CA TYR G 27 20.92 -1.17 0.98
C TYR G 27 21.79 -0.70 -0.21
N THR G 28 22.87 -1.44 -0.37
CA THR G 28 23.80 -1.21 -1.47
C THR G 28 24.05 -2.50 -2.29
N GLU G 29 24.11 -2.39 -3.62
CA GLU G 29 24.43 -3.56 -4.43
C GLU G 29 25.30 -3.13 -5.60
N SER G 30 26.17 -4.04 -6.02
CA SER G 30 27.14 -3.75 -7.05
C SER G 30 27.22 -4.89 -8.07
N LEU G 31 27.45 -4.50 -9.32
CA LEU G 31 27.67 -5.40 -10.44
C LEU G 31 29.10 -5.30 -10.93
N ALA G 32 29.93 -4.53 -10.22
CA ALA G 32 31.32 -4.30 -10.68
C ALA G 32 32.04 -5.63 -10.61
N GLY G 33 32.95 -5.85 -11.54
CA GLY G 33 33.63 -7.13 -11.63
C GLY G 33 34.44 -7.43 -10.38
N LYS G 34 34.29 -8.64 -9.88
CA LYS G 34 34.91 -9.12 -8.63
C LYS G 34 34.29 -8.55 -7.34
N ARG G 35 33.24 -7.73 -7.48
CA ARG G 35 32.56 -7.10 -6.34
C ARG G 35 31.05 -7.17 -6.53
N GLU G 36 30.59 -8.32 -7.01
CA GLU G 36 29.16 -8.53 -7.24
C GLU G 36 28.57 -8.97 -5.92
N MET G 37 28.09 -8.00 -5.14
CA MET G 37 27.81 -8.20 -3.72
C MET G 37 26.69 -7.24 -3.34
N ALA G 38 26.09 -7.49 -2.17
CA ALA G 38 25.29 -6.45 -1.54
C ALA G 38 25.82 -6.13 -0.15
N ILE G 39 25.52 -4.92 0.31
CA ILE G 39 25.91 -4.46 1.65
C ILE G 39 24.67 -3.83 2.27
N ILE G 40 24.35 -4.26 3.49
CA ILE G 40 23.30 -3.63 4.29
C ILE G 40 23.85 -2.99 5.58
N THR G 41 23.16 -1.99 6.10
CA THR G 41 23.58 -1.35 7.33
C THR G 41 22.38 -1.19 8.22
N PHE G 42 22.66 -1.05 9.50
CA PHE G 42 21.65 -0.75 10.49
C PHE G 42 22.02 0.55 11.22
N LYS G 43 21.03 1.12 11.88
CA LYS G 43 21.24 2.38 12.60
C LYS G 43 22.18 2.20 13.80
N ASN G 44 22.22 1.00 14.37
CA ASN G 44 23.18 0.72 15.45
C ASN G 44 24.67 0.69 15.02
N GLY G 45 24.95 0.84 13.71
CA GLY G 45 26.34 0.89 13.18
C GLY G 45 26.73 -0.39 12.45
N ALA G 46 25.96 -1.45 12.66
CA ALA G 46 26.24 -2.74 12.03
C ALA G 46 26.23 -2.67 10.50
N ILE G 47 27.25 -3.29 9.90
CA ILE G 47 27.39 -3.36 8.47
C ILE G 47 27.59 -4.84 8.11
N PHE G 48 26.83 -5.33 7.13
CA PHE G 48 26.88 -6.76 6.74
C PHE G 48 26.93 -6.93 5.23
N GLN G 49 27.57 -8.01 4.78
CA GLN G 49 27.66 -8.24 3.34
C GLN G 49 26.98 -9.51 2.96
N VAL G 50 26.49 -9.57 1.72
CA VAL G 50 26.27 -10.88 1.10
C VAL G 50 27.50 -11.10 0.23
N GLU G 51 28.25 -12.15 0.54
CA GLU G 51 29.51 -12.43 -0.14
C GLU G 51 29.42 -12.54 -1.66
N VAL G 52 30.50 -12.12 -2.33
CA VAL G 52 30.64 -12.29 -3.76
C VAL G 52 30.77 -13.81 -3.95
N PRO G 53 29.98 -14.42 -4.85
CA PRO G 53 30.18 -15.85 -5.06
C PRO G 53 31.48 -16.10 -5.83
N GLY G 54 32.25 -17.10 -5.41
CA GLY G 54 33.40 -17.58 -6.19
C GLY G 54 33.40 -19.06 -6.53
N SER G 55 34.54 -19.50 -7.09
CA SER G 55 34.86 -20.92 -7.36
C SER G 55 34.53 -21.84 -6.18
N GLN G 56 34.74 -21.32 -4.97
CA GLN G 56 34.33 -21.96 -3.71
C GLN G 56 32.96 -22.65 -3.71
N HIS G 57 31.94 -22.04 -4.34
CA HIS G 57 30.53 -22.45 -4.13
C HIS G 57 29.95 -23.39 -5.17
N ILE G 58 29.27 -24.43 -4.69
CA ILE G 58 28.49 -25.31 -5.55
C ILE G 58 27.16 -24.66 -5.86
N ASP G 59 26.44 -25.23 -6.81
CA ASP G 59 25.22 -24.62 -7.35
C ASP G 59 24.16 -24.25 -6.28
N SER G 60 24.02 -25.07 -5.26
CA SER G 60 23.02 -24.79 -4.22
C SER G 60 23.41 -23.57 -3.39
N GLN G 61 24.68 -23.38 -3.10
CA GLN G 61 25.06 -22.19 -2.36
C GLN G 61 24.93 -20.93 -3.20
N LYS G 62 25.20 -21.01 -4.49
CA LYS G 62 25.10 -19.85 -5.38
C LYS G 62 23.66 -19.40 -5.38
N LYS G 63 22.75 -20.35 -5.51
CA LYS G 63 21.33 -20.06 -5.59
C LYS G 63 20.82 -19.40 -4.30
N ALA G 64 21.33 -19.88 -3.18
CA ALA G 64 20.91 -19.35 -1.89
C ALA G 64 21.48 -17.92 -1.65
N ILE G 65 22.67 -17.63 -2.16
CA ILE G 65 23.23 -16.27 -2.14
C ILE G 65 22.36 -15.32 -2.94
N GLU G 66 21.92 -15.72 -4.13
CA GLU G 66 21.04 -14.86 -4.93
C GLU G 66 19.70 -14.63 -4.18
N ARG G 67 19.20 -15.66 -3.53
CA ARG G 67 17.93 -15.52 -2.80
C ARG G 67 18.09 -14.52 -1.69
N MET G 68 19.19 -14.61 -0.99
CA MET G 68 19.41 -13.71 0.16
C MET G 68 19.47 -12.23 -0.26
N LYS G 69 20.13 -11.95 -1.38
CA LYS G 69 20.07 -10.59 -1.88
C LYS G 69 18.66 -10.14 -2.27
N ASP G 70 17.89 -11.04 -2.87
CA ASP G 70 16.47 -10.76 -3.15
C ASP G 70 15.76 -10.41 -1.84
N THR G 71 15.97 -11.26 -0.83
CA THR G 71 15.30 -11.07 0.48
C THR G 71 15.68 -9.72 1.08
N LEU G 72 16.96 -9.37 1.01
CA LEU G 72 17.44 -8.14 1.63
C LEU G 72 16.84 -6.90 0.96
N ARG G 73 16.74 -6.92 -0.38
CA ARG G 73 16.21 -5.79 -1.13
C ARG G 73 14.77 -5.59 -0.73
N ILE G 74 13.98 -6.68 -0.75
CA ILE G 74 12.54 -6.52 -0.47
C ILE G 74 12.32 -6.19 0.98
N ALA G 75 13.14 -6.72 1.85
CA ALA G 75 13.05 -6.33 3.27
C ALA G 75 13.33 -4.85 3.45
N TYR G 76 14.32 -4.31 2.73
CA TYR G 76 14.69 -2.89 2.85
C TYR G 76 13.49 -2.07 2.33
N LEU G 77 12.97 -2.46 1.18
CA LEU G 77 11.89 -1.68 0.54
C LEU G 77 10.55 -1.75 1.29
N THR G 78 10.39 -2.79 2.07
CA THR G 78 9.16 -2.96 2.90
C THR G 78 9.33 -2.44 4.30
N GLU G 79 10.51 -1.89 4.63
CA GLU G 79 10.85 -1.54 5.98
C GLU G 79 10.60 -2.69 6.98
N ALA G 80 10.85 -3.92 6.53
CA ALA G 80 10.66 -5.10 7.39
C ALA G 80 11.62 -5.16 8.53
N LYS G 81 11.14 -5.46 9.74
CA LYS G 81 12.02 -5.58 10.88
C LYS G 81 12.86 -6.84 10.75
N VAL G 82 14.16 -6.67 10.80
CA VAL G 82 15.07 -7.79 10.90
C VAL G 82 15.30 -8.15 12.39
N GLU G 83 15.06 -9.41 12.73
CA GLU G 83 15.20 -9.82 14.13
C GLU G 83 16.67 -10.14 14.39
N LYS G 84 17.17 -11.20 13.75
CA LYS G 84 18.56 -11.65 13.91
C LYS G 84 19.22 -11.92 12.59
N LEU G 85 20.55 -11.82 12.61
CA LEU G 85 21.39 -12.24 11.50
C LEU G 85 22.40 -13.26 12.07
N CYS G 86 22.53 -14.39 11.38
CA CYS G 86 23.64 -15.30 11.60
C CYS G 86 24.72 -14.90 10.60
N VAL G 87 25.88 -14.54 11.12
CA VAL G 87 26.94 -14.05 10.26
C VAL G 87 28.26 -14.75 10.51
N TRP G 88 29.11 -14.80 9.48
CA TRP G 88 30.52 -15.19 9.61
C TRP G 88 31.29 -13.98 10.07
N ASN G 89 31.92 -14.11 11.22
CA ASN G 89 32.69 -13.03 11.84
C ASN G 89 34.18 -13.04 11.51
N ASN G 90 34.57 -13.89 10.57
CA ASN G 90 35.93 -13.89 10.02
C ASN G 90 36.01 -13.12 8.69
N LYS G 91 34.97 -12.34 8.40
CA LYS G 91 34.91 -11.54 7.19
C LYS G 91 34.60 -10.11 7.58
N THR G 92 35.05 -9.16 6.76
CA THR G 92 34.79 -7.73 7.00
C THR G 92 34.25 -7.10 5.70
N PRO G 93 33.01 -6.58 5.66
CA PRO G 93 31.98 -6.73 6.71
C PRO G 93 31.68 -8.19 7.03
N HIS G 94 31.12 -8.47 8.19
CA HIS G 94 30.68 -9.84 8.46
C HIS G 94 29.70 -10.28 7.36
N ALA G 95 29.84 -11.52 6.91
CA ALA G 95 29.00 -12.04 5.85
C ALA G 95 27.79 -12.78 6.38
N ILE G 96 26.64 -12.51 5.77
CA ILE G 96 25.39 -13.07 6.26
C ILE G 96 25.31 -14.53 5.85
N ALA G 97 25.01 -15.37 6.84
CA ALA G 97 24.69 -16.78 6.67
C ALA G 97 23.21 -17.10 6.77
N ALA G 98 22.49 -16.29 7.53
CA ALA G 98 21.06 -16.50 7.75
C ALA G 98 20.42 -15.26 8.32
N ILE G 99 19.10 -15.19 8.13
CA ILE G 99 18.31 -14.04 8.53
C ILE G 99 17.01 -14.56 9.13
N SER G 100 16.58 -13.90 10.20
CA SER G 100 15.22 -14.01 10.67
C SER G 100 14.52 -12.66 10.73
N MET G 101 13.24 -12.66 10.36
CA MET G 101 12.35 -11.49 10.39
C MET G 101 11.14 -11.86 11.24
N ALA G 102 10.83 -10.99 12.20
CA ALA G 102 9.66 -11.08 13.08
C ALA G 102 9.34 -9.65 13.59
N ASN G 103 8.13 -9.49 14.13
CA ASN G 103 7.68 -8.26 14.82
C ASN G 103 7.68 -6.98 13.96
N THR H 1 -6.38 -35.74 -10.62
CA THR H 1 -5.59 -34.59 -10.06
C THR H 1 -6.42 -34.02 -8.92
N PRO H 2 -5.76 -33.72 -7.78
CA PRO H 2 -6.60 -33.20 -6.68
C PRO H 2 -7.10 -31.75 -6.94
N GLN H 3 -8.19 -31.33 -6.30
CA GLN H 3 -8.79 -30.00 -6.51
CA GLN H 3 -8.77 -29.99 -6.52
C GLN H 3 -8.61 -29.09 -5.30
N ASN H 4 -7.99 -29.61 -4.27
CA ASN H 4 -7.71 -28.82 -3.06
C ASN H 4 -6.60 -29.44 -2.24
N ILE H 5 -6.13 -28.67 -1.26
CA ILE H 5 -5.01 -29.06 -0.47
C ILE H 5 -5.24 -30.35 0.34
N THR H 6 -6.46 -30.50 0.85
CA THR H 6 -6.75 -31.64 1.69
C THR H 6 -6.68 -32.93 0.87
N ASP H 7 -7.21 -32.92 -0.35
CA ASP H 7 -7.10 -34.10 -1.23
C ASP H 7 -5.69 -34.36 -1.76
N LEU H 8 -4.97 -33.27 -2.04
CA LEU H 8 -3.58 -33.38 -2.42
C LEU H 8 -2.77 -34.04 -1.29
N CYS H 9 -2.95 -33.57 -0.05
CA CYS H 9 -2.18 -34.05 1.13
C CYS H 9 -2.42 -35.56 1.32
N ALA H 10 -3.65 -35.98 1.04
CA ALA H 10 -4.11 -37.37 1.15
C ALA H 10 -3.43 -38.33 0.18
N GLU H 11 -2.80 -37.82 -0.87
CA GLU H 11 -2.08 -38.66 -1.78
C GLU H 11 -0.72 -39.14 -1.31
N TYR H 12 -0.21 -38.62 -0.19
CA TYR H 12 1.11 -38.92 0.36
C TYR H 12 1.07 -39.53 1.75
N HIS H 13 2.01 -40.43 2.02
CA HIS H 13 2.19 -41.06 3.35
C HIS H 13 2.91 -40.11 4.29
N ASN H 14 2.60 -40.19 5.58
CA ASN H 14 3.27 -39.40 6.61
C ASN H 14 3.00 -37.90 6.51
N THR H 15 1.88 -37.52 5.91
CA THR H 15 1.50 -36.10 5.83
C THR H 15 0.38 -35.82 6.79
N GLN H 16 0.20 -34.54 7.11
CA GLN H 16 -0.99 -34.13 7.81
C GLN H 16 -1.22 -32.67 7.56
N ILE H 17 -2.49 -32.27 7.74
CA ILE H 17 -2.95 -30.90 7.59
C ILE H 17 -2.87 -30.13 8.90
N TYR H 18 -2.21 -28.96 8.88
CA TYR H 18 -2.35 -27.97 9.92
C TYR H 18 -3.21 -26.87 9.38
N THR H 19 -4.21 -26.50 10.15
CA THR H 19 -5.13 -25.43 9.85
C THR H 19 -4.72 -24.25 10.73
N LEU H 20 -4.00 -23.30 10.14
CA LEU H 20 -3.51 -22.14 10.91
C LEU H 20 -4.46 -20.93 10.87
N ASN H 21 -5.03 -20.64 9.71
CA ASN H 21 -5.80 -19.45 9.49
C ASN H 21 -5.18 -18.21 10.20
N ASP H 22 -3.88 -18.04 9.99
CA ASP H 22 -3.15 -16.95 10.58
C ASP H 22 -2.03 -16.53 9.63
N LYS H 23 -1.59 -15.31 9.80
CA LYS H 23 -0.36 -14.88 9.11
C LYS H 23 0.86 -15.61 9.71
N ILE H 24 1.95 -15.60 8.96
CA ILE H 24 3.21 -16.12 9.43
C ILE H 24 3.79 -15.17 10.47
N PHE H 25 4.26 -15.71 11.59
CA PHE H 25 4.77 -14.87 12.67
C PHE H 25 6.22 -14.48 12.40
N SER H 26 6.99 -15.44 11.95
CA SER H 26 8.41 -15.20 11.67
C SER H 26 8.87 -16.01 10.48
N TYR H 27 9.79 -15.37 9.72
CA TYR H 27 10.39 -16.00 8.54
C TYR H 27 11.90 -16.00 8.73
N THR H 28 12.49 -17.19 8.54
CA THR H 28 13.92 -17.42 8.67
C THR H 28 14.42 -18.08 7.39
N GLU H 29 15.51 -17.54 6.85
CA GLU H 29 16.19 -18.08 5.67
C GLU H 29 17.69 -18.28 5.90
N SER H 30 18.22 -19.40 5.44
CA SER H 30 19.65 -19.70 5.59
C SER H 30 20.28 -20.04 4.26
N LEU H 31 21.38 -19.37 3.91
CA LEU H 31 22.21 -19.72 2.73
C LEU H 31 23.44 -20.56 3.06
N ALA H 32 23.52 -21.07 4.29
CA ALA H 32 24.72 -21.70 4.83
C ALA H 32 24.82 -23.11 4.24
N GLY H 33 26.04 -23.53 3.86
CA GLY H 33 26.25 -24.80 3.13
C GLY H 33 25.55 -26.00 3.74
N LYS H 34 24.71 -26.67 2.93
CA LYS H 34 23.91 -27.82 3.38
C LYS H 34 22.81 -27.46 4.40
N ARG H 35 22.47 -26.17 4.47
CA ARG H 35 21.36 -25.72 5.28
C ARG H 35 20.61 -24.68 4.47
N GLU H 36 20.46 -24.91 3.16
CA GLU H 36 19.78 -23.91 2.35
C GLU H 36 18.30 -24.23 2.49
N MET H 37 17.64 -23.55 3.43
CA MET H 37 16.29 -23.92 3.91
C MET H 37 15.60 -22.68 4.47
N ALA H 38 14.29 -22.81 4.70
CA ALA H 38 13.52 -21.74 5.31
C ALA H 38 12.72 -22.33 6.45
N ILE H 39 12.50 -21.52 7.46
CA ILE H 39 11.68 -21.88 8.62
C ILE H 39 10.67 -20.76 8.86
N ILE H 40 9.41 -21.15 9.03
CA ILE H 40 8.36 -20.24 9.41
C ILE H 40 7.76 -20.69 10.77
N THR H 41 7.30 -19.70 11.49
CA THR H 41 6.60 -19.98 12.75
C THR H 41 5.28 -19.24 12.73
N PHE H 42 4.39 -19.67 13.61
CA PHE H 42 3.12 -19.03 13.81
C PHE H 42 3.01 -18.72 15.33
N LYS H 43 2.08 -17.83 15.63
CA LYS H 43 1.82 -17.32 16.98
C LYS H 43 1.33 -18.41 17.91
N ASN H 44 0.57 -19.38 17.39
CA ASN H 44 0.12 -20.57 18.16
C ASN H 44 1.26 -21.50 18.63
N GLY H 45 2.47 -21.29 18.08
CA GLY H 45 3.65 -22.04 18.43
C GLY H 45 4.16 -22.97 17.34
N ALA H 46 3.42 -23.12 16.26
CA ALA H 46 3.78 -24.08 15.21
C ALA H 46 5.04 -23.61 14.48
N ILE H 47 5.93 -24.57 14.22
CA ILE H 47 7.16 -24.33 13.47
C ILE H 47 7.20 -25.29 12.29
N PHE H 48 7.55 -24.77 11.10
CA PHE H 48 7.59 -25.56 9.89
C PHE H 48 8.78 -25.15 9.08
N GLN H 49 9.28 -26.11 8.29
CA GLN H 49 10.39 -25.85 7.38
C GLN H 49 10.02 -26.12 5.95
N VAL H 50 10.79 -25.49 5.06
CA VAL H 50 10.98 -25.98 3.72
C VAL H 50 12.32 -26.70 3.78
N GLU H 51 12.27 -27.99 3.50
CA GLU H 51 13.44 -28.83 3.64
C GLU H 51 14.53 -28.43 2.68
N VAL H 52 15.76 -28.70 3.07
CA VAL H 52 16.87 -28.62 2.14
C VAL H 52 16.59 -29.71 1.09
N PRO H 53 16.86 -29.42 -0.20
CA PRO H 53 16.68 -30.45 -1.21
C PRO H 53 17.49 -31.70 -0.85
N GLY H 54 16.82 -32.80 -0.52
CA GLY H 54 17.44 -34.12 -0.39
C GLY H 54 16.87 -35.14 -1.36
N SER H 55 17.36 -36.37 -1.25
CA SER H 55 17.00 -37.44 -2.19
C SER H 55 15.58 -38.04 -1.99
N GLN H 56 14.82 -37.52 -1.02
CA GLN H 56 13.37 -37.70 -0.98
C GLN H 56 12.63 -36.76 -1.97
N HIS H 57 13.34 -35.81 -2.58
CA HIS H 57 12.77 -34.97 -3.63
C HIS H 57 13.27 -35.40 -5.02
N ILE H 58 12.37 -35.41 -6.00
CA ILE H 58 12.67 -35.76 -7.40
C ILE H 58 12.97 -34.49 -8.20
N ASP H 59 13.52 -34.63 -9.39
CA ASP H 59 14.02 -33.47 -10.15
C ASP H 59 12.94 -32.38 -10.39
N SER H 60 11.69 -32.79 -10.62
CA SER H 60 10.60 -31.83 -10.86
C SER H 60 10.16 -31.05 -9.61
N GLN H 61 10.62 -31.44 -8.41
CA GLN H 61 10.36 -30.67 -7.19
C GLN H 61 11.32 -29.50 -6.98
N LYS H 62 12.46 -29.49 -7.68
CA LYS H 62 13.52 -28.51 -7.39
C LYS H 62 12.99 -27.07 -7.54
N LYS H 63 12.33 -26.80 -8.67
CA LYS H 63 11.83 -25.47 -8.93
C LYS H 63 10.70 -25.10 -7.98
N ALA H 64 9.87 -26.08 -7.68
CA ALA H 64 8.76 -25.92 -6.70
C ALA H 64 9.22 -25.61 -5.28
N ILE H 65 10.31 -26.23 -4.83
CA ILE H 65 10.90 -25.92 -3.52
C ILE H 65 11.30 -24.44 -3.48
N GLU H 66 11.99 -23.97 -4.51
CA GLU H 66 12.36 -22.60 -4.59
C GLU H 66 11.17 -21.66 -4.66
N ARG H 67 10.16 -22.08 -5.38
CA ARG H 67 8.92 -21.32 -5.46
C ARG H 67 8.27 -21.22 -4.07
N MET H 68 8.25 -22.31 -3.34
CA MET H 68 7.57 -22.28 -2.04
C MET H 68 8.28 -21.27 -1.11
N LYS H 69 9.62 -21.26 -1.12
CA LYS H 69 10.38 -20.26 -0.33
C LYS H 69 10.03 -18.83 -0.75
N ASP H 70 9.94 -18.58 -2.06
CA ASP H 70 9.53 -17.29 -2.54
C ASP H 70 8.13 -16.94 -1.97
N THR H 71 7.24 -17.91 -2.11
CA THR H 71 5.83 -17.79 -1.60
C THR H 71 5.76 -17.50 -0.11
N LEU H 72 6.56 -18.16 0.67
CA LEU H 72 6.52 -17.90 2.12
C LEU H 72 7.07 -16.54 2.45
N ARG H 73 8.08 -16.06 1.69
CA ARG H 73 8.66 -14.77 1.99
C ARG H 73 7.63 -13.67 1.68
N ILE H 74 7.00 -13.78 0.52
CA ILE H 74 6.07 -12.74 0.12
C ILE H 74 4.82 -12.78 1.01
N ALA H 75 4.44 -13.98 1.42
CA ALA H 75 3.27 -14.11 2.31
C ALA H 75 3.62 -13.43 3.62
N TYR H 76 4.82 -13.71 4.14
CA TYR H 76 5.26 -13.12 5.41
C TYR H 76 5.16 -11.60 5.29
N LEU H 77 5.73 -11.06 4.22
CA LEU H 77 5.86 -9.63 4.07
C LEU H 77 4.58 -8.87 3.71
N THR H 78 3.57 -9.56 3.20
CA THR H 78 2.19 -8.99 2.90
C THR H 78 1.22 -9.31 4.08
N GLU H 79 1.74 -10.03 5.07
CA GLU H 79 0.89 -10.52 6.23
C GLU H 79 -0.29 -11.31 5.70
N ALA H 80 -0.07 -12.12 4.67
CA ALA H 80 -1.11 -12.92 4.09
C ALA H 80 -1.55 -14.05 5.03
N LYS H 81 -2.86 -14.24 5.10
CA LYS H 81 -3.43 -15.34 5.93
C LYS H 81 -3.13 -16.69 5.29
N VAL H 82 -2.43 -17.54 6.04
CA VAL H 82 -2.21 -18.87 5.61
C VAL H 82 -3.40 -19.68 6.17
N GLU H 83 -4.11 -20.36 5.28
CA GLU H 83 -5.29 -21.16 5.69
C GLU H 83 -4.76 -22.49 6.23
N LYS H 84 -4.18 -23.28 5.35
CA LYS H 84 -3.73 -24.60 5.69
C LYS H 84 -2.34 -24.85 5.22
N LEU H 85 -1.66 -25.75 5.89
CA LEU H 85 -0.44 -26.31 5.36
C LEU H 85 -0.56 -27.82 5.39
N CYS H 86 -0.07 -28.42 4.31
CA CYS H 86 0.16 -29.86 4.20
C CYS H 86 1.61 -30.07 4.52
N VAL H 87 1.86 -30.85 5.56
CA VAL H 87 3.20 -31.05 6.07
C VAL H 87 3.53 -32.54 6.21
N TRP H 88 4.79 -32.90 6.03
CA TRP H 88 5.27 -34.22 6.45
C TRP H 88 5.59 -34.17 7.94
N ASN H 89 5.00 -35.09 8.72
CA ASN H 89 5.07 -35.04 10.19
C ASN H 89 6.09 -36.01 10.78
N ASN H 90 6.90 -36.61 9.91
CA ASN H 90 8.02 -37.45 10.31
C ASN H 90 9.33 -36.67 10.16
N LYS H 91 9.23 -35.34 10.20
CA LYS H 91 10.37 -34.47 10.19
C LYS H 91 10.15 -33.43 11.28
N THR H 92 11.24 -32.95 11.85
CA THR H 92 11.21 -31.95 12.93
C THR H 92 12.12 -30.80 12.50
N PRO H 93 11.60 -29.58 12.26
CA PRO H 93 10.17 -29.27 12.24
C PRO H 93 9.47 -29.95 11.07
N HIS H 94 8.16 -30.10 11.17
CA HIS H 94 7.42 -30.69 10.07
C HIS H 94 7.68 -29.93 8.79
N ALA H 95 7.76 -30.68 7.71
CA ALA H 95 8.22 -30.17 6.40
C ALA H 95 7.03 -29.82 5.50
N ILE H 96 7.07 -28.63 4.91
CA ILE H 96 6.02 -28.18 4.05
C ILE H 96 5.99 -28.90 2.69
N ALA H 97 4.84 -29.47 2.38
CA ALA H 97 4.49 -30.00 1.07
C ALA H 97 3.59 -29.06 0.25
N ALA H 98 2.62 -28.39 0.88
CA ALA H 98 1.73 -27.47 0.17
C ALA H 98 1.21 -26.45 1.11
N ILE H 99 0.70 -25.36 0.56
CA ILE H 99 0.15 -24.22 1.30
C ILE H 99 -1.07 -23.77 0.57
N SER H 100 -2.06 -23.34 1.36
CA SER H 100 -3.23 -22.68 0.85
C SER H 100 -3.45 -21.34 1.56
N MET H 101 -3.90 -20.34 0.83
CA MET H 101 -4.12 -19.01 1.34
C MET H 101 -5.51 -18.59 0.84
N ALA H 102 -6.30 -17.99 1.76
CA ALA H 102 -7.56 -17.28 1.46
C ALA H 102 -7.77 -16.10 2.44
N ASN H 103 -8.79 -15.29 2.19
CA ASN H 103 -9.49 -14.55 3.30
C ASN H 103 -8.59 -13.57 4.03
N THR I 1 -1.49 -13.72 -35.51
CA THR I 1 -1.44 -13.61 -34.02
C THR I 1 -2.77 -13.04 -33.49
N PRO I 2 -3.33 -13.68 -32.42
CA PRO I 2 -4.57 -13.14 -31.84
C PRO I 2 -4.38 -11.80 -31.13
N GLN I 3 -5.42 -10.97 -31.11
CA GLN I 3 -5.38 -9.66 -30.44
C GLN I 3 -6.02 -9.63 -29.04
N ASN I 4 -6.68 -10.71 -28.64
CA ASN I 4 -7.26 -10.77 -27.30
C ASN I 4 -7.36 -12.24 -26.84
N ILE I 5 -7.78 -12.44 -25.59
CA ILE I 5 -7.79 -13.78 -25.02
C ILE I 5 -8.84 -14.73 -25.61
N THR I 6 -9.96 -14.19 -26.05
CA THR I 6 -11.04 -14.96 -26.66
C THR I 6 -10.60 -15.49 -28.05
N ASP I 7 -9.97 -14.64 -28.87
CA ASP I 7 -9.45 -15.14 -30.14
C ASP I 7 -8.30 -16.12 -29.98
N LEU I 8 -7.42 -15.83 -29.02
CA LEU I 8 -6.42 -16.77 -28.66
C LEU I 8 -7.03 -18.11 -28.32
N CYS I 9 -7.99 -18.11 -27.40
CA CYS I 9 -8.60 -19.35 -26.93
CA CYS I 9 -8.67 -19.33 -26.94
C CYS I 9 -9.22 -20.18 -28.08
N ALA I 10 -9.84 -19.50 -29.05
CA ALA I 10 -10.45 -20.18 -30.19
C ALA I 10 -9.43 -20.93 -31.09
N GLU I 11 -8.12 -20.67 -30.92
CA GLU I 11 -7.08 -21.36 -31.69
C GLU I 11 -6.78 -22.78 -31.22
N TYR I 12 -7.37 -23.22 -30.11
CA TYR I 12 -7.04 -24.50 -29.51
C TYR I 12 -8.26 -25.39 -29.43
N HIS I 13 -8.06 -26.69 -29.57
CA HIS I 13 -9.12 -27.66 -29.26
C HIS I 13 -9.31 -27.73 -27.74
N ASN I 14 -10.56 -27.94 -27.34
CA ASN I 14 -10.92 -28.31 -25.96
C ASN I 14 -10.67 -27.18 -24.96
N THR I 15 -10.87 -25.96 -25.42
CA THR I 15 -10.76 -24.78 -24.57
C THR I 15 -12.08 -24.04 -24.52
N GLN I 16 -12.22 -23.29 -23.43
CA GLN I 16 -13.27 -22.31 -23.37
C GLN I 16 -12.91 -21.17 -22.46
N ILE I 17 -13.64 -20.07 -22.64
CA ILE I 17 -13.49 -18.87 -21.83
C ILE I 17 -14.43 -18.92 -20.64
N TYR I 18 -13.85 -18.70 -19.47
CA TYR I 18 -14.61 -18.45 -18.23
C TYR I 18 -14.44 -16.96 -17.94
N THR I 19 -15.55 -16.23 -17.84
CA THR I 19 -15.54 -14.85 -17.43
C THR I 19 -15.83 -14.81 -15.94
N LEU I 20 -14.83 -14.41 -15.17
CA LEU I 20 -14.95 -14.29 -13.71
C LEU I 20 -15.27 -12.87 -13.24
N ASN I 21 -14.62 -11.87 -13.83
CA ASN I 21 -14.64 -10.52 -13.31
C ASN I 21 -14.61 -10.48 -11.81
N ASP I 22 -13.66 -11.19 -11.25
CA ASP I 22 -13.50 -11.20 -9.80
C ASP I 22 -12.04 -11.52 -9.41
N LYS I 23 -11.63 -11.11 -8.21
CA LYS I 23 -10.37 -11.56 -7.61
C LYS I 23 -10.36 -13.06 -7.30
N ILE I 24 -9.17 -13.65 -7.20
CA ILE I 24 -8.92 -15.04 -6.83
C ILE I 24 -9.29 -15.15 -5.33
N PHE I 25 -10.19 -16.09 -5.04
CA PHE I 25 -10.58 -16.34 -3.65
C PHE I 25 -9.54 -17.07 -2.81
N SER I 26 -8.95 -18.12 -3.40
CA SER I 26 -7.87 -18.81 -2.77
C SER I 26 -6.79 -19.24 -3.74
N TYR I 27 -5.58 -19.28 -3.18
CA TYR I 27 -4.39 -19.78 -3.90
C TYR I 27 -3.73 -20.93 -3.14
N THR I 28 -3.54 -22.05 -3.86
CA THR I 28 -2.88 -23.22 -3.30
C THR I 28 -1.71 -23.59 -4.13
N GLU I 29 -0.58 -23.87 -3.50
CA GLU I 29 0.57 -24.34 -4.26
C GLU I 29 1.26 -25.49 -3.56
N SER I 30 1.66 -26.47 -4.35
CA SER I 30 2.29 -27.70 -3.87
C SER I 30 3.65 -27.90 -4.46
N LEU I 31 4.59 -28.34 -3.62
CA LEU I 31 5.89 -28.85 -4.06
C LEU I 31 6.00 -30.38 -4.04
N ALA I 32 4.96 -31.08 -3.58
CA ALA I 32 5.01 -32.53 -3.48
C ALA I 32 5.21 -33.18 -4.86
N GLY I 33 6.00 -34.26 -4.84
CA GLY I 33 6.43 -34.96 -6.07
C GLY I 33 5.25 -35.40 -6.91
N LYS I 34 5.32 -35.12 -8.20
CA LYS I 34 4.24 -35.38 -9.17
C LYS I 34 2.97 -34.53 -9.02
N ARG I 35 2.99 -33.59 -8.08
CA ARG I 35 1.89 -32.64 -7.87
C ARG I 35 2.43 -31.21 -7.76
N GLU I 36 3.41 -30.89 -8.59
CA GLU I 36 4.04 -29.56 -8.55
C GLU I 36 3.15 -28.65 -9.34
N MET I 37 2.20 -28.07 -8.63
CA MET I 37 1.10 -27.34 -9.23
C MET I 37 0.62 -26.20 -8.36
N ALA I 38 -0.19 -25.36 -9.00
CA ALA I 38 -1.03 -24.41 -8.31
C ALA I 38 -2.48 -24.64 -8.68
N ILE I 39 -3.34 -24.33 -7.68
CA ILE I 39 -4.79 -24.36 -7.84
C ILE I 39 -5.38 -23.06 -7.33
N ILE I 40 -6.24 -22.40 -8.12
CA ILE I 40 -6.86 -21.19 -7.68
C ILE I 40 -8.35 -21.46 -7.66
N THR I 41 -9.04 -20.76 -6.78
CA THR I 41 -10.52 -20.85 -6.77
C THR I 41 -11.14 -19.43 -6.82
N PHE I 42 -12.41 -19.35 -7.19
CA PHE I 42 -13.20 -18.15 -7.18
C PHE I 42 -14.43 -18.35 -6.26
N LYS I 43 -14.92 -17.25 -5.76
CA LYS I 43 -16.09 -17.26 -4.84
C LYS I 43 -17.26 -18.00 -5.50
N ASN I 44 -17.39 -17.90 -6.82
CA ASN I 44 -18.51 -18.58 -7.51
C ASN I 44 -18.41 -20.11 -7.56
N GLY I 45 -17.37 -20.70 -6.97
CA GLY I 45 -17.10 -22.14 -7.00
C GLY I 45 -16.11 -22.68 -8.00
N ALA I 46 -15.78 -21.87 -8.98
CA ALA I 46 -14.79 -22.30 -9.97
C ALA I 46 -13.42 -22.63 -9.37
N ILE I 47 -12.83 -23.72 -9.84
CA ILE I 47 -11.55 -24.24 -9.41
C ILE I 47 -10.70 -24.49 -10.69
N PHE I 48 -9.52 -23.92 -10.75
CA PHE I 48 -8.66 -24.03 -11.93
C PHE I 48 -7.25 -24.41 -11.46
N GLN I 49 -6.54 -25.19 -12.28
CA GLN I 49 -5.15 -25.51 -11.99
C GLN I 49 -4.21 -24.90 -13.02
N VAL I 50 -2.96 -24.74 -12.61
CA VAL I 50 -1.84 -24.65 -13.58
C VAL I 50 -1.26 -26.05 -13.52
N GLU I 51 -1.24 -26.71 -14.69
CA GLU I 51 -0.85 -28.10 -14.74
C GLU I 51 0.58 -28.40 -14.31
N VAL I 52 0.79 -29.59 -13.76
CA VAL I 52 2.11 -30.14 -13.56
C VAL I 52 2.77 -30.20 -14.96
N PRO I 53 3.97 -29.61 -15.10
CA PRO I 53 4.66 -29.77 -16.39
C PRO I 53 4.90 -31.23 -16.73
N GLY I 54 4.80 -31.56 -18.01
CA GLY I 54 4.63 -32.95 -18.45
C GLY I 54 4.69 -33.07 -19.95
N SER I 55 4.46 -34.26 -20.48
CA SER I 55 4.70 -34.53 -21.91
C SER I 55 3.65 -33.91 -22.83
N GLN I 56 2.48 -33.57 -22.28
CA GLN I 56 1.52 -32.70 -22.97
C GLN I 56 2.05 -31.29 -23.30
N HIS I 57 3.13 -30.89 -22.64
CA HIS I 57 3.74 -29.58 -22.81
C HIS I 57 5.00 -29.61 -23.67
N ILE I 58 5.14 -28.61 -24.54
CA ILE I 58 6.37 -28.42 -25.30
C ILE I 58 7.39 -27.54 -24.53
N ASP I 59 8.62 -27.48 -25.02
CA ASP I 59 9.71 -26.82 -24.28
C ASP I 59 9.46 -25.33 -24.04
N SER I 60 9.01 -24.63 -25.09
CA SER I 60 8.58 -23.23 -24.97
C SER I 60 7.50 -22.97 -23.88
N GLN I 61 6.74 -23.98 -23.52
CA GLN I 61 5.75 -23.79 -22.47
C GLN I 61 6.22 -23.88 -21.04
N LYS I 62 7.25 -24.66 -20.73
CA LYS I 62 7.63 -24.83 -19.31
C LYS I 62 7.92 -23.44 -18.70
N LYS I 63 8.67 -22.61 -19.39
CA LYS I 63 8.96 -21.28 -18.90
C LYS I 63 7.65 -20.46 -18.65
N ALA I 64 6.69 -20.63 -19.54
CA ALA I 64 5.44 -19.90 -19.45
C ALA I 64 4.63 -20.49 -18.32
N ILE I 65 4.76 -21.78 -18.09
CA ILE I 65 4.05 -22.39 -16.92
C ILE I 65 4.53 -21.77 -15.65
N GLU I 66 5.84 -21.65 -15.44
CA GLU I 66 6.41 -20.98 -14.26
C GLU I 66 5.93 -19.51 -14.11
N ARG I 67 5.85 -18.79 -15.23
CA ARG I 67 5.35 -17.42 -15.24
C ARG I 67 3.89 -17.34 -14.76
N MET I 68 3.06 -18.26 -15.24
CA MET I 68 1.64 -18.21 -14.93
C MET I 68 1.49 -18.39 -13.44
N LYS I 69 2.22 -19.31 -12.88
CA LYS I 69 2.07 -19.46 -11.40
C LYS I 69 2.52 -18.20 -10.68
N ASP I 70 3.55 -17.53 -11.16
CA ASP I 70 3.99 -16.27 -10.56
C ASP I 70 2.89 -15.27 -10.66
N THR I 71 2.27 -15.22 -11.83
CA THR I 71 1.23 -14.23 -12.10
C THR I 71 0.04 -14.45 -11.13
N LEU I 72 -0.30 -15.73 -10.97
CA LEU I 72 -1.48 -15.99 -10.11
C LEU I 72 -1.20 -15.68 -8.70
N ARG I 73 -0.01 -16.01 -8.21
CA ARG I 73 0.39 -15.67 -6.84
C ARG I 73 0.24 -14.18 -6.62
N ILE I 74 0.83 -13.37 -7.49
CA ILE I 74 0.86 -11.94 -7.30
CA ILE I 74 0.85 -11.93 -7.31
C ILE I 74 -0.55 -11.34 -7.53
N ALA I 75 -1.36 -11.95 -8.42
CA ALA I 75 -2.73 -11.46 -8.66
C ALA I 75 -3.52 -11.73 -7.36
N TYR I 76 -3.26 -12.87 -6.81
CA TYR I 76 -4.01 -13.25 -5.56
C TYR I 76 -3.66 -12.18 -4.49
N LEU I 77 -2.39 -11.93 -4.25
CA LEU I 77 -1.89 -11.11 -3.14
C LEU I 77 -2.21 -9.62 -3.33
N THR I 78 -2.43 -9.20 -4.57
CA THR I 78 -2.84 -7.86 -4.89
C THR I 78 -4.35 -7.68 -4.98
N GLU I 79 -5.12 -8.76 -4.85
CA GLU I 79 -6.57 -8.79 -5.11
C GLU I 79 -6.97 -8.19 -6.48
N ALA I 80 -6.12 -8.49 -7.48
CA ALA I 80 -6.39 -8.13 -8.83
C ALA I 80 -7.58 -8.85 -9.46
N LYS I 81 -8.45 -8.08 -10.09
CA LYS I 81 -9.57 -8.65 -10.78
C LYS I 81 -9.14 -9.43 -11.96
N VAL I 82 -9.50 -10.68 -11.98
CA VAL I 82 -9.34 -11.52 -13.15
C VAL I 82 -10.57 -11.36 -14.02
N GLU I 83 -10.37 -10.95 -15.28
CA GLU I 83 -11.46 -10.76 -16.24
C GLU I 83 -11.87 -12.11 -16.76
N LYS I 84 -11.00 -12.76 -17.56
CA LYS I 84 -11.28 -14.05 -18.19
C LYS I 84 -10.16 -15.01 -17.99
N LEU I 85 -10.49 -16.29 -17.97
CA LEU I 85 -9.53 -17.36 -18.07
C LEU I 85 -9.90 -18.18 -19.29
N CYS I 86 -8.89 -18.42 -20.15
CA CYS I 86 -9.01 -19.43 -21.16
C CYS I 86 -8.49 -20.73 -20.54
N VAL I 87 -9.30 -21.79 -20.55
CA VAL I 87 -8.91 -23.04 -19.92
C VAL I 87 -9.24 -24.24 -20.78
N TRP I 88 -8.44 -25.27 -20.61
CA TRP I 88 -8.74 -26.58 -21.16
C TRP I 88 -9.80 -27.26 -20.31
N ASN I 89 -10.93 -27.60 -20.97
CA ASN I 89 -12.10 -28.18 -20.23
C ASN I 89 -12.14 -29.73 -20.21
N ASN I 90 -11.09 -30.34 -20.73
CA ASN I 90 -10.89 -31.79 -20.61
C ASN I 90 -9.96 -32.26 -19.48
N LYS I 91 -9.71 -31.40 -18.50
CA LYS I 91 -8.88 -31.70 -17.35
C LYS I 91 -9.73 -31.28 -16.15
N THR I 92 -9.46 -31.93 -15.03
CA THR I 92 -10.15 -31.72 -13.75
C THR I 92 -9.10 -31.49 -12.66
N PRO I 93 -9.03 -30.29 -12.06
CA PRO I 93 -9.75 -29.10 -12.50
C PRO I 93 -9.36 -28.64 -13.91
N HIS I 94 -10.16 -27.80 -14.51
CA HIS I 94 -9.79 -27.27 -15.80
C HIS I 94 -8.45 -26.58 -15.64
N ALA I 95 -7.61 -26.72 -16.69
CA ALA I 95 -6.25 -26.21 -16.69
C ALA I 95 -6.15 -24.87 -17.39
N ILE I 96 -5.39 -23.95 -16.80
CA ILE I 96 -5.30 -22.61 -17.37
C ILE I 96 -4.31 -22.57 -18.56
N ALA I 97 -4.79 -22.01 -19.63
CA ALA I 97 -3.95 -21.74 -20.82
C ALA I 97 -3.66 -20.23 -20.85
N ALA I 98 -4.62 -19.38 -20.48
CA ALA I 98 -4.40 -17.93 -20.57
C ALA I 98 -5.22 -17.19 -19.56
N ILE I 99 -4.74 -16.02 -19.18
CA ILE I 99 -5.43 -15.12 -18.20
C ILE I 99 -5.52 -13.71 -18.72
N SER I 100 -6.63 -12.99 -18.53
CA SER I 100 -6.72 -11.53 -18.74
C SER I 100 -7.11 -10.92 -17.44
N MET I 101 -6.43 -9.84 -17.09
CA MET I 101 -6.79 -8.97 -16.00
C MET I 101 -7.13 -7.58 -16.47
N ALA I 102 -8.20 -7.04 -15.91
CA ALA I 102 -8.68 -5.71 -16.24
C ALA I 102 -9.65 -5.37 -15.10
N ASN I 103 -9.56 -4.14 -14.59
CA ASN I 103 -10.54 -3.63 -13.62
C ASN I 103 -10.84 -2.16 -13.88
N THR J 1 25.66 4.91 -27.72
CA THR J 1 24.48 4.35 -26.97
C THR J 1 23.41 5.45 -26.84
N PRO J 2 22.14 5.12 -27.12
CA PRO J 2 21.10 6.16 -27.08
C PRO J 2 20.73 6.48 -25.64
N GLN J 3 20.17 7.66 -25.42
CA GLN J 3 19.92 8.17 -24.05
C GLN J 3 18.45 8.24 -23.63
N ASN J 4 17.55 7.83 -24.52
CA ASN J 4 16.11 7.88 -24.29
C ASN J 4 15.39 6.98 -25.30
N ILE J 5 14.14 6.60 -25.00
CA ILE J 5 13.38 5.70 -25.83
C ILE J 5 13.22 6.14 -27.31
N THR J 6 13.09 7.44 -27.53
CA THR J 6 12.82 7.97 -28.86
C THR J 6 14.05 7.75 -29.76
N ASP J 7 15.20 8.10 -29.24
CA ASP J 7 16.44 7.87 -29.98
C ASP J 7 16.80 6.41 -30.07
N LEU J 8 16.37 5.61 -29.10
CA LEU J 8 16.57 4.18 -29.21
C LEU J 8 15.75 3.60 -30.37
N CYS J 9 14.48 4.04 -30.43
CA CYS J 9 13.51 3.59 -31.41
C CYS J 9 13.92 3.96 -32.85
N ALA J 10 14.31 5.21 -33.02
CA ALA J 10 15.01 5.69 -34.23
C ALA J 10 16.12 4.80 -34.80
N GLU J 11 16.73 3.89 -34.03
CA GLU J 11 17.80 3.00 -34.54
C GLU J 11 17.29 1.76 -35.28
N TYR J 12 15.98 1.55 -35.24
CA TYR J 12 15.33 0.39 -35.80
C TYR J 12 14.33 0.83 -36.85
N HIS J 13 14.41 0.18 -38.00
CA HIS J 13 13.40 0.34 -39.01
C HIS J 13 12.23 -0.57 -38.65
N ASN J 14 11.04 -0.16 -39.08
CA ASN J 14 9.77 -0.84 -38.82
C ASN J 14 9.27 -0.62 -37.41
N THR J 15 9.89 0.32 -36.69
CA THR J 15 9.41 0.74 -35.35
C THR J 15 8.76 2.12 -35.39
N GLN J 16 7.87 2.39 -34.44
CA GLN J 16 7.35 3.73 -34.23
C GLN J 16 7.04 3.94 -32.75
N ILE J 17 7.16 5.17 -32.28
CA ILE J 17 6.85 5.54 -30.91
C ILE J 17 5.34 5.79 -30.80
N TYR J 18 4.72 5.15 -29.79
CA TYR J 18 3.38 5.53 -29.35
C TYR J 18 3.53 6.26 -28.02
N THR J 19 2.86 7.39 -27.88
CA THR J 19 2.85 8.14 -26.63
C THR J 19 1.50 7.98 -25.93
N LEU J 20 1.49 7.18 -24.86
CA LEU J 20 0.24 6.82 -24.17
C LEU J 20 -0.03 7.67 -22.97
N ASN J 21 1.00 8.01 -22.19
CA ASN J 21 0.85 8.76 -20.94
C ASN J 21 -0.38 8.25 -20.17
N ASP J 22 -0.41 6.93 -20.00
CA ASP J 22 -1.54 6.30 -19.32
C ASP J 22 -1.13 4.92 -18.75
N LYS J 23 -1.84 4.47 -17.71
CA LYS J 23 -1.64 3.13 -17.22
C LYS J 23 -2.19 2.09 -18.20
N ILE J 24 -1.70 0.88 -18.07
CA ILE J 24 -2.20 -0.23 -18.84
C ILE J 24 -3.64 -0.54 -18.40
N PHE J 25 -4.53 -0.63 -19.36
CA PHE J 25 -5.95 -0.96 -19.08
C PHE J 25 -6.19 -2.45 -18.84
N SER J 26 -5.50 -3.31 -19.59
CA SER J 26 -5.65 -4.78 -19.43
C SER J 26 -4.35 -5.47 -19.70
N TYR J 27 -4.12 -6.57 -18.99
CA TYR J 27 -2.96 -7.41 -19.10
C TYR J 27 -3.42 -8.83 -19.39
N THR J 28 -2.88 -9.46 -20.44
CA THR J 28 -3.19 -10.81 -20.83
C THR J 28 -1.92 -11.59 -20.98
N GLU J 29 -1.95 -12.82 -20.55
CA GLU J 29 -0.83 -13.71 -20.49
C GLU J 29 -1.24 -15.11 -20.92
N SER J 30 -0.51 -15.74 -21.86
CA SER J 30 -0.79 -17.09 -22.33
C SER J 30 0.37 -18.05 -22.13
N LEU J 31 0.10 -19.26 -21.66
CA LEU J 31 1.09 -20.35 -21.68
C LEU J 31 0.82 -21.38 -22.82
N ALA J 32 -0.12 -21.11 -23.70
CA ALA J 32 -0.63 -22.06 -24.67
C ALA J 32 0.49 -22.26 -25.71
N GLY J 33 0.78 -23.52 -26.07
CA GLY J 33 1.84 -23.87 -27.02
C GLY J 33 1.84 -23.07 -28.31
N LYS J 34 3.01 -22.53 -28.62
CA LYS J 34 3.21 -21.56 -29.73
C LYS J 34 2.59 -20.18 -29.53
N ARG J 35 2.02 -19.88 -28.36
CA ARG J 35 1.43 -18.59 -28.05
C ARG J 35 1.84 -18.16 -26.66
N GLU J 36 3.13 -18.35 -26.33
CA GLU J 36 3.68 -18.00 -25.04
C GLU J 36 3.99 -16.53 -25.15
N MET J 37 2.98 -15.73 -24.88
CA MET J 37 3.07 -14.30 -25.13
C MET J 37 2.30 -13.50 -24.10
N ALA J 38 2.50 -12.19 -24.13
CA ALA J 38 1.67 -11.26 -23.40
C ALA J 38 1.04 -10.22 -24.29
N ILE J 39 -0.15 -9.78 -23.94
CA ILE J 39 -0.85 -8.73 -24.64
C ILE J 39 -1.32 -7.66 -23.69
N ILE J 40 -1.11 -6.40 -24.04
CA ILE J 40 -1.61 -5.30 -23.26
C ILE J 40 -2.47 -4.39 -24.06
N THR J 41 -3.44 -3.79 -23.39
CA THR J 41 -4.26 -2.73 -23.99
C THR J 41 -4.31 -1.45 -23.16
N PHE J 42 -4.69 -0.36 -23.85
CA PHE J 42 -4.87 0.95 -23.24
C PHE J 42 -6.26 1.44 -23.50
N LYS J 43 -6.71 2.36 -22.67
CA LYS J 43 -8.08 2.83 -22.71
C LYS J 43 -8.41 3.45 -24.06
N ASN J 44 -7.39 3.97 -24.74
CA ASN J 44 -7.58 4.60 -26.06
C ASN J 44 -7.83 3.58 -27.20
N GLY J 45 -7.69 2.29 -26.91
CA GLY J 45 -7.96 1.20 -27.86
C GLY J 45 -6.70 0.53 -28.38
N ALA J 46 -5.54 1.06 -28.05
CA ALA J 46 -4.27 0.45 -28.51
C ALA J 46 -4.06 -0.93 -27.92
N ILE J 47 -3.55 -1.84 -28.73
CA ILE J 47 -3.33 -3.20 -28.31
C ILE J 47 -1.88 -3.50 -28.71
N PHE J 48 -1.08 -4.04 -27.78
CA PHE J 48 0.32 -4.40 -28.07
C PHE J 48 0.65 -5.77 -27.56
N GLN J 49 1.65 -6.44 -28.18
CA GLN J 49 2.10 -7.76 -27.76
C GLN J 49 3.57 -7.71 -27.39
N VAL J 50 4.00 -8.65 -26.54
CA VAL J 50 5.38 -9.13 -26.45
C VAL J 50 5.41 -10.43 -27.22
N GLU J 51 6.27 -10.51 -28.25
CA GLU J 51 6.19 -11.59 -29.20
C GLU J 51 6.62 -12.91 -28.58
N VAL J 52 6.07 -14.02 -29.10
CA VAL J 52 6.55 -15.33 -28.78
C VAL J 52 8.02 -15.41 -29.14
N PRO J 53 8.89 -15.91 -28.24
CA PRO J 53 10.33 -16.00 -28.63
C PRO J 53 10.55 -16.99 -29.76
N GLY J 54 11.41 -16.64 -30.70
CA GLY J 54 11.50 -17.44 -31.89
C GLY J 54 12.71 -17.11 -32.72
N SER J 55 12.70 -17.63 -33.94
CA SER J 55 13.89 -17.48 -34.79
C SER J 55 14.10 -16.07 -35.34
N GLN J 56 13.10 -15.18 -35.23
CA GLN J 56 13.30 -13.75 -35.48
C GLN J 56 14.11 -13.05 -34.40
N HIS J 57 14.38 -13.76 -33.30
CA HIS J 57 15.09 -13.15 -32.19
C HIS J 57 16.50 -13.67 -32.18
N ILE J 58 17.38 -12.91 -31.55
CA ILE J 58 18.75 -13.40 -31.23
C ILE J 58 18.88 -13.74 -29.76
N ASP J 59 19.90 -14.55 -29.44
CA ASP J 59 20.09 -15.13 -28.10
C ASP J 59 20.09 -14.04 -27.04
N SER J 60 20.70 -12.90 -27.35
CA SER J 60 20.84 -11.79 -26.41
C SER J 60 19.50 -11.11 -26.03
N GLN J 61 18.43 -11.41 -26.78
CA GLN J 61 17.07 -10.92 -26.47
C GLN J 61 16.27 -11.81 -25.56
N LYS J 62 16.69 -13.06 -25.34
CA LYS J 62 15.84 -14.04 -24.65
C LYS J 62 15.53 -13.59 -23.24
N LYS J 63 16.54 -13.22 -22.47
CA LYS J 63 16.25 -12.74 -21.09
C LYS J 63 15.44 -11.44 -21.15
N ALA J 64 15.75 -10.59 -22.11
CA ALA J 64 15.08 -9.31 -22.21
C ALA J 64 13.57 -9.43 -22.51
N ILE J 65 13.20 -10.37 -23.37
CA ILE J 65 11.79 -10.65 -23.68
C ILE J 65 11.08 -11.03 -22.37
N GLU J 66 11.68 -11.94 -21.64
CA GLU J 66 11.07 -12.37 -20.34
C GLU J 66 11.01 -11.21 -19.35
N ARG J 67 12.05 -10.42 -19.24
CA ARG J 67 12.00 -9.21 -18.41
C ARG J 67 10.88 -8.26 -18.78
N MET J 68 10.65 -8.06 -20.05
CA MET J 68 9.62 -7.15 -20.48
C MET J 68 8.22 -7.61 -19.98
N LYS J 69 7.98 -8.89 -20.11
CA LYS J 69 6.67 -9.42 -19.65
C LYS J 69 6.62 -9.22 -18.16
N ASP J 70 7.73 -9.39 -17.44
CA ASP J 70 7.69 -9.09 -15.95
C ASP J 70 7.33 -7.61 -15.71
N THR J 71 8.01 -6.75 -16.42
CA THR J 71 7.79 -5.32 -16.30
C THR J 71 6.36 -4.94 -16.64
N LEU J 72 5.77 -5.49 -17.69
CA LEU J 72 4.37 -5.13 -18.03
C LEU J 72 3.41 -5.58 -16.92
N ARG J 73 3.66 -6.76 -16.38
CA ARG J 73 2.76 -7.29 -15.30
C ARG J 73 2.86 -6.41 -14.07
N ILE J 74 4.05 -6.04 -13.62
CA ILE J 74 4.11 -5.23 -12.41
C ILE J 74 3.61 -3.81 -12.69
N ALA J 75 3.91 -3.27 -13.84
CA ALA J 75 3.32 -2.01 -14.23
C ALA J 75 1.81 -1.99 -14.16
N TYR J 76 1.24 -3.05 -14.71
CA TYR J 76 -0.20 -3.18 -14.72
C TYR J 76 -0.69 -3.19 -13.29
N LEU J 77 -0.07 -4.02 -12.48
CA LEU J 77 -0.58 -4.18 -11.11
C LEU J 77 -0.36 -3.01 -10.20
N THR J 78 0.59 -2.14 -10.51
CA THR J 78 0.91 -0.94 -9.76
C THR J 78 0.26 0.31 -10.40
N GLU J 79 -0.48 0.15 -11.48
CA GLU J 79 -1.13 1.28 -12.15
C GLU J 79 -0.11 2.41 -12.58
N ALA J 80 1.09 1.94 -12.93
CA ALA J 80 2.17 2.79 -13.35
C ALA J 80 1.91 3.35 -14.70
N LYS J 81 2.09 4.65 -14.82
CA LYS J 81 1.88 5.36 -16.09
C LYS J 81 2.98 4.96 -17.07
N VAL J 82 2.57 4.57 -18.28
CA VAL J 82 3.49 4.26 -19.35
C VAL J 82 3.57 5.55 -20.15
N GLU J 83 4.78 6.10 -20.25
CA GLU J 83 4.98 7.29 -21.05
C GLU J 83 4.95 6.92 -22.55
N LYS J 84 5.94 6.20 -23.03
CA LYS J 84 5.99 5.78 -24.43
C LYS J 84 6.26 4.30 -24.59
N LEU J 85 5.83 3.74 -25.72
CA LEU J 85 6.26 2.40 -26.17
C LEU J 85 6.92 2.54 -27.54
N CYS J 86 8.06 1.89 -27.68
CA CYS J 86 8.64 1.66 -29.02
C CYS J 86 8.17 0.32 -29.52
N VAL J 87 7.46 0.32 -30.65
CA VAL J 87 6.84 -0.91 -31.17
C VAL J 87 7.14 -1.17 -32.66
N TRP J 88 7.28 -2.44 -33.00
CA TRP J 88 7.29 -2.88 -34.41
C TRP J 88 5.91 -2.80 -35.02
N ASN J 89 5.74 -1.96 -36.03
CA ASN J 89 4.44 -1.77 -36.66
C ASN J 89 4.24 -2.62 -37.90
N ASN J 90 5.10 -3.62 -38.08
CA ASN J 90 4.89 -4.64 -39.09
C ASN J 90 4.39 -5.94 -38.50
N LYS J 91 4.00 -5.90 -37.22
CA LYS J 91 3.28 -7.00 -36.55
C LYS J 91 1.89 -6.51 -36.13
N THR J 92 0.99 -7.48 -35.97
CA THR J 92 -0.36 -7.23 -35.49
C THR J 92 -0.68 -8.20 -34.37
N PRO J 93 -0.99 -7.70 -33.16
CA PRO J 93 -0.76 -6.31 -32.75
C PRO J 93 0.71 -5.89 -32.85
N HIS J 94 0.95 -4.59 -32.83
CA HIS J 94 2.30 -4.08 -32.81
C HIS J 94 3.02 -4.66 -31.61
N ALA J 95 4.28 -4.97 -31.81
CA ALA J 95 5.12 -5.70 -30.94
C ALA J 95 6.12 -4.80 -30.21
N ILE J 96 6.19 -4.94 -28.89
CA ILE J 96 6.89 -4.02 -28.04
C ILE J 96 8.38 -4.29 -28.12
N ALA J 97 9.11 -3.21 -28.36
CA ALA J 97 10.56 -3.22 -28.36
C ALA J 97 11.14 -2.54 -27.14
N ALA J 98 10.49 -1.48 -26.69
CA ALA J 98 10.96 -0.74 -25.54
C ALA J 98 9.79 -0.08 -24.87
N ILE J 99 9.98 0.19 -23.59
CA ILE J 99 8.95 0.89 -22.76
C ILE J 99 9.59 1.98 -21.91
N SER J 100 8.96 3.15 -21.78
CA SER J 100 9.41 4.19 -20.83
C SER J 100 8.24 4.45 -19.83
N MET J 101 8.59 4.62 -18.57
CA MET J 101 7.63 4.98 -17.50
C MET J 101 8.13 6.24 -16.81
N ALA J 102 7.22 7.20 -16.61
CA ALA J 102 7.46 8.43 -15.81
C ALA J 102 6.17 8.84 -15.07
N ASN J 103 6.34 9.37 -13.85
CA ASN J 103 5.21 9.68 -12.93
C ASN J 103 4.16 10.57 -13.57
#